data_8E8Z
#
_entry.id   8E8Z
#
_cell.length_a   1.00
_cell.length_b   1.00
_cell.length_c   1.00
_cell.angle_alpha   90.00
_cell.angle_beta   90.00
_cell.angle_gamma   90.00
#
_symmetry.space_group_name_H-M   'P 1'
#
loop_
_entity.id
_entity.type
_entity.pdbx_description
1 polymer 'Capsid protein VP1'
2 polymer 'Capsid protein VP2'
3 polymer 'Capsid protein VP3'
4 polymer 'Capsid protein VP4'
5 polymer '9H2 Fab heavy chain'
6 polymer '9H2 Fab light chain'
#
loop_
_entity_poly.entity_id
_entity_poly.type
_entity_poly.pdbx_seq_one_letter_code
_entity_poly.pdbx_strand_id
1 'polypeptide(L)'
;TSRDALPNTEASGPAHSKEIPALTAVETGATNPLVPSDTVQTRHVVQHRSRSESSIESFFARGACVAIITVDNSASTKNK
DKLFTVWKITYKDTVQLRRKLEFFTYSRFDMEFTFVVTANFTETNNGHALNQVYQIMYVPPGAPVPEKWDDYTWQTSSNP
SIFYTYGTAPARISVPYVGISNAYSHFYDGFSKVPLKDQSAALGDSLYGAASLNDFGILAVRVVNDHNPTKVTSKIRVYL
KPKHIRVWCPRPPRAVAYYGPGVDYKDGTLTPLSTKDLTTY
;
1
2 'polypeptide(L)'
;SDRVLQLTLGNSTITTQEAANSVVAYGRWPEYLRDSEANPVDQPTEPDVAACRFYTLDTVSWTKESRGWWWKLPDALRDM
GLFGQNMYYHYLGRSGYTVHVQCNASKFHQGALGVFAVPEMCLAGDSNTTTMHTSYQNANPGEKGGTFTGTFTPDDNQTS
PARRFCPVDYLFGNGTLLGNAFVFPHQIINLRTNNCATLVLPYVNSLSIDSMVKHNNWGIAILPLAPLNFASESSPEIPI
TLTIAPMCCEFNGLRNITLPRLQ
;
2
3 'polypeptide(L)'
;GLPVMNTPGSNQYLTADNFQSPCALPEFDVTPPIDIPGEVKNMMELAEIDTMIPFDLSAKKKNTMEMYRVRLSDKPHTDD
PILCLSLSPASDPRLSHTMLGEILNYYTHWAGSLKFTFLFCGSMMATGKLLVSYAPPGADPPKKRKEAMLGTHVIWDIGL
QSSCTMVVPWISNTTYRQTIDDSFTEGGYISVFYQTRIVVPLSTPREMDILGFVSACNDFSVRLMRDTTHIEQKA
;
3
4 'polypeptide(L)' GAQVSSQKVGAHENSNRAYGGSTINYTTINYYRDSASNAASKQDFSQDPSKFTEPIKDVLIKTSPMLN 4
5 'polypeptide(L)'
;LVQSGAELKKPGASVKFSCQASGFTFTTYDIHWVRQAPGQGLEWMGMISPSRDSTIYAQKFQGRVTMTSDTSTSTVYMEL
TSLRSEDTALYYCATASRPSAWVFRSLYTYYYMDVWGTGTTVTV
;
H
6 'polypeptide(L)'
;SALTQPASVSGSPGQSITISCTGTITDIGYYNYVSWYQQHPGKAPKLIIFDVTNRPSGVSDRFSGSKSGNTASLTISGLQ
AEDEGDYYCFSHRSNNIRVFGGGTKLTVL
;
L
#
# COMPACT_ATOMS: atom_id res chain seq x y z
N THR A 1 11.64 -0.35 -32.07
CA THR A 1 10.96 0.57 -31.18
C THR A 1 11.16 0.17 -29.72
N SER A 2 12.38 -0.27 -29.39
CA SER A 2 12.66 -0.75 -28.04
C SER A 2 13.71 0.11 -27.35
N ARG A 3 14.88 0.24 -27.96
CA ARG A 3 15.98 1.03 -27.44
C ARG A 3 16.34 2.19 -28.36
N ASP A 4 15.52 2.46 -29.37
CA ASP A 4 15.83 3.42 -30.41
C ASP A 4 15.71 4.85 -29.89
N ALA A 5 16.25 5.78 -30.68
CA ALA A 5 16.32 7.18 -30.30
C ALA A 5 14.95 7.83 -30.24
N LEU A 6 14.82 8.80 -29.35
CA LEU A 6 13.62 9.60 -29.22
C LEU A 6 13.46 10.50 -30.45
N PRO A 7 12.23 10.94 -30.74
CA PRO A 7 12.00 11.74 -31.96
C PRO A 7 12.72 13.09 -31.94
N ASN A 8 13.25 13.45 -33.11
CA ASN A 8 14.04 14.67 -33.25
C ASN A 8 13.17 15.91 -33.21
N THR A 9 13.75 16.98 -32.68
CA THR A 9 13.07 18.27 -32.63
C THR A 9 13.20 18.96 -33.99
N GLU A 10 12.07 19.18 -34.64
CA GLU A 10 12.06 19.88 -35.92
C GLU A 10 12.28 21.37 -35.72
N ALA A 11 12.90 22.00 -36.70
CA ALA A 11 13.06 23.45 -36.69
C ALA A 11 11.72 24.14 -36.91
N SER A 12 11.48 25.20 -36.14
CA SER A 12 10.23 25.95 -36.23
C SER A 12 10.54 27.44 -36.34
N GLY A 13 9.84 28.11 -37.24
CA GLY A 13 9.99 29.54 -37.41
C GLY A 13 9.01 30.31 -36.56
N PRO A 14 9.11 31.65 -36.60
CA PRO A 14 8.08 32.47 -35.96
C PRO A 14 6.75 32.32 -36.67
N ALA A 15 5.67 32.48 -35.92
CA ALA A 15 4.35 32.18 -36.42
C ALA A 15 3.37 33.27 -36.01
N HIS A 16 2.36 33.46 -36.85
CA HIS A 16 1.25 34.38 -36.57
C HIS A 16 0.04 33.77 -37.28
N SER A 17 -0.74 32.98 -36.55
CA SER A 17 -1.76 32.16 -37.16
C SER A 17 -2.87 31.90 -36.17
N LYS A 18 -3.98 31.37 -36.69
CA LYS A 18 -5.12 31.04 -35.86
C LYS A 18 -4.91 29.76 -35.06
N GLU A 19 -3.93 28.94 -35.44
CA GLU A 19 -3.66 27.72 -34.69
C GLU A 19 -3.08 28.04 -33.32
N ILE A 20 -3.65 27.43 -32.29
CA ILE A 20 -3.34 27.78 -30.91
C ILE A 20 -2.95 26.54 -30.11
N PRO A 21 -1.72 26.05 -30.25
CA PRO A 21 -1.30 24.90 -29.44
C PRO A 21 -1.18 25.21 -27.96
N ALA A 22 -0.97 26.47 -27.59
CA ALA A 22 -0.69 26.83 -26.20
C ALA A 22 -1.90 26.71 -25.29
N LEU A 23 -3.11 26.82 -25.83
CA LEU A 23 -4.32 26.78 -25.02
C LEU A 23 -4.89 25.39 -24.97
N THR A 24 -5.45 25.02 -23.82
CA THR A 24 -5.88 23.66 -23.56
C THR A 24 -7.02 23.67 -22.55
N ALA A 25 -7.59 22.49 -22.30
CA ALA A 25 -8.66 22.30 -21.33
C ALA A 25 -8.33 21.04 -20.53
N VAL A 26 -7.75 21.22 -19.34
CA VAL A 26 -7.47 20.11 -18.44
C VAL A 26 -8.76 19.42 -17.96
N GLU A 27 -9.89 20.13 -18.01
CA GLU A 27 -11.19 19.57 -17.67
C GLU A 27 -11.57 18.37 -18.55
N THR A 28 -11.06 18.32 -19.78
CA THR A 28 -11.28 17.17 -20.65
C THR A 28 -10.55 15.93 -20.17
N GLY A 29 -9.56 16.08 -19.30
CA GLY A 29 -8.76 14.97 -18.83
C GLY A 29 -7.60 14.60 -19.73
N ALA A 30 -7.57 15.11 -20.95
CA ALA A 30 -6.41 14.91 -21.80
C ALA A 30 -5.30 15.87 -21.38
N THR A 31 -4.06 15.45 -21.64
CA THR A 31 -2.89 16.29 -21.47
C THR A 31 -2.46 16.75 -22.85
N ASN A 32 -2.27 18.06 -23.00
CA ASN A 32 -1.94 18.70 -24.27
C ASN A 32 -0.58 18.23 -24.76
N PRO A 33 -0.53 17.43 -25.84
CA PRO A 33 0.71 16.75 -26.24
C PRO A 33 1.69 17.65 -27.00
N LEU A 34 2.13 18.72 -26.35
CA LEU A 34 2.99 19.69 -27.03
C LEU A 34 4.43 19.23 -27.08
N VAL A 35 5.11 19.65 -28.13
CA VAL A 35 6.56 19.54 -28.26
C VAL A 35 7.10 20.97 -28.20
N PRO A 36 8.38 21.16 -27.86
CA PRO A 36 8.92 22.53 -27.79
C PRO A 36 8.88 23.32 -29.09
N SER A 37 8.80 22.66 -30.25
CA SER A 37 8.66 23.38 -31.51
C SER A 37 7.30 24.03 -31.70
N ASP A 38 6.34 23.75 -30.82
CA ASP A 38 5.01 24.34 -30.94
C ASP A 38 4.91 25.74 -30.37
N THR A 39 5.78 26.12 -29.42
CA THR A 39 5.63 27.43 -28.77
C THR A 39 6.89 28.28 -28.75
N VAL A 40 8.08 27.73 -29.02
CA VAL A 40 9.30 28.54 -29.07
C VAL A 40 10.04 28.18 -30.35
N GLN A 41 10.89 29.11 -30.77
CA GLN A 41 11.60 29.02 -32.05
C GLN A 41 12.77 28.04 -31.92
N THR A 42 12.47 26.77 -32.10
CA THR A 42 13.48 25.72 -31.94
C THR A 42 14.34 25.57 -33.19
N ARG A 43 15.59 25.16 -32.99
CA ARG A 43 16.45 24.72 -34.06
C ARG A 43 16.30 23.21 -34.27
N HIS A 44 16.87 22.71 -35.36
CA HIS A 44 16.89 21.27 -35.59
C HIS A 44 18.00 20.62 -34.79
N VAL A 45 17.70 19.49 -34.16
CA VAL A 45 18.69 18.75 -33.38
C VAL A 45 18.38 17.26 -33.40
N VAL A 46 19.34 16.47 -33.87
CA VAL A 46 19.21 15.02 -33.85
C VAL A 46 19.41 14.54 -32.42
N GLN A 47 18.43 13.84 -31.88
CA GLN A 47 18.42 13.45 -30.49
C GLN A 47 18.95 12.03 -30.35
N HIS A 48 19.97 11.86 -29.51
CA HIS A 48 20.60 10.57 -29.30
C HIS A 48 20.13 9.85 -28.05
N ARG A 49 19.40 10.54 -27.17
CA ARG A 49 18.93 9.94 -25.94
C ARG A 49 17.89 8.86 -26.20
N SER A 50 17.87 7.86 -25.33
CA SER A 50 16.94 6.74 -25.42
C SER A 50 16.09 6.68 -24.16
N ARG A 51 15.26 5.64 -24.08
CA ARG A 51 14.41 5.40 -22.92
C ARG A 51 14.58 3.98 -22.39
N SER A 52 15.71 3.34 -22.68
CA SER A 52 15.94 1.94 -22.29
C SER A 52 15.96 1.78 -20.79
N GLU A 53 16.58 2.72 -20.08
CA GLU A 53 16.75 2.56 -18.64
C GLU A 53 15.46 2.81 -17.86
N SER A 54 14.43 3.35 -18.50
CA SER A 54 13.17 3.62 -17.84
C SER A 54 12.11 2.57 -18.16
N SER A 55 12.49 1.47 -18.81
CA SER A 55 11.55 0.40 -19.08
C SER A 55 11.17 -0.32 -17.80
N ILE A 56 10.05 -1.03 -17.86
CA ILE A 56 9.53 -1.74 -16.69
C ILE A 56 10.47 -2.86 -16.28
N GLU A 57 10.98 -3.61 -17.26
CA GLU A 57 11.92 -4.69 -16.96
C GLU A 57 13.24 -4.14 -16.42
N SER A 58 13.65 -2.96 -16.86
CA SER A 58 14.82 -2.30 -16.29
C SER A 58 14.53 -1.77 -14.89
N PHE A 59 13.30 -1.30 -14.66
CA PHE A 59 12.93 -0.67 -13.39
C PHE A 59 12.94 -1.65 -12.23
N PHE A 60 12.62 -2.92 -12.49
CA PHE A 60 12.58 -3.94 -11.46
C PHE A 60 13.76 -4.90 -11.51
N ALA A 61 14.83 -4.54 -12.20
CA ALA A 61 15.98 -5.43 -12.34
C ALA A 61 16.73 -5.63 -11.02
N ARG A 62 16.76 -4.61 -10.17
CA ARG A 62 17.48 -4.68 -8.92
C ARG A 62 16.76 -5.59 -7.93
N GLY A 63 17.51 -6.52 -7.33
CA GLY A 63 16.96 -7.37 -6.30
C GLY A 63 16.85 -6.64 -4.96
N ALA A 64 15.86 -7.04 -4.17
CA ALA A 64 15.58 -6.39 -2.89
C ALA A 64 15.41 -7.42 -1.79
N CYS A 65 15.88 -7.07 -0.59
CA CYS A 65 15.70 -7.92 0.58
C CYS A 65 14.26 -7.87 1.06
N VAL A 66 13.76 -9.01 1.54
CA VAL A 66 12.39 -9.09 2.01
C VAL A 66 12.31 -9.62 3.44
N ALA A 67 13.30 -10.40 3.87
CA ALA A 67 13.21 -11.05 5.17
C ALA A 67 14.60 -11.33 5.72
N ILE A 68 14.70 -11.27 7.04
CA ILE A 68 15.92 -11.62 7.77
C ILE A 68 15.47 -12.57 8.87
N ILE A 69 15.75 -13.86 8.69
CA ILE A 69 15.19 -14.92 9.53
C ILE A 69 16.34 -15.60 10.29
N THR A 70 16.09 -15.92 11.56
CA THR A 70 17.13 -16.38 12.47
C THR A 70 16.99 -17.85 12.83
N VAL A 71 18.09 -18.60 12.71
CA VAL A 71 18.17 -19.97 13.20
C VAL A 71 19.42 -20.09 14.06
N ASP A 72 19.45 -21.15 14.88
CA ASP A 72 20.60 -21.42 15.72
C ASP A 72 20.88 -22.92 15.75
N ASN A 73 21.94 -23.30 16.47
CA ASN A 73 22.23 -24.70 16.81
C ASN A 73 22.66 -24.66 18.28
N SER A 74 21.70 -24.95 19.16
CA SER A 74 21.91 -24.79 20.60
C SER A 74 22.97 -25.74 21.14
N ALA A 75 23.63 -25.31 22.22
CA ALA A 75 24.62 -26.13 22.91
C ALA A 75 23.97 -27.38 23.47
N SER A 76 24.68 -28.51 23.35
CA SER A 76 24.09 -29.83 23.59
C SER A 76 23.62 -30.02 25.03
N THR A 77 24.35 -29.47 26.00
CA THR A 77 24.00 -29.68 27.40
C THR A 77 22.78 -28.88 27.83
N LYS A 78 22.44 -27.82 27.11
CA LYS A 78 21.34 -26.95 27.50
C LYS A 78 20.00 -27.54 27.09
N ASN A 79 18.96 -27.14 27.82
CA ASN A 79 17.65 -27.77 27.70
C ASN A 79 16.91 -27.36 26.43
N LYS A 80 17.05 -26.10 26.01
CA LYS A 80 16.14 -25.51 25.03
C LYS A 80 16.30 -26.09 23.63
N ASP A 81 15.19 -26.19 22.91
CA ASP A 81 15.15 -26.78 21.59
C ASP A 81 15.89 -25.91 20.56
N LYS A 82 16.35 -26.57 19.49
CA LYS A 82 16.97 -25.85 18.39
C LYS A 82 15.94 -25.02 17.63
N LEU A 83 16.22 -23.73 17.46
CA LEU A 83 15.28 -22.81 16.82
C LEU A 83 15.40 -22.94 15.30
N PHE A 84 14.51 -23.75 14.73
CA PHE A 84 14.23 -23.59 13.31
C PHE A 84 13.31 -22.39 13.12
N THR A 85 13.21 -21.91 11.89
CA THR A 85 12.41 -20.72 11.65
C THR A 85 11.51 -20.94 10.43
N VAL A 86 10.39 -20.23 10.42
CA VAL A 86 9.29 -20.46 9.49
C VAL A 86 8.72 -19.11 9.10
N TRP A 87 8.67 -18.82 7.79
CA TRP A 87 8.33 -17.49 7.28
C TRP A 87 7.21 -17.57 6.26
N LYS A 88 6.16 -16.79 6.48
CA LYS A 88 5.09 -16.60 5.50
C LYS A 88 5.59 -15.71 4.38
N ILE A 89 5.60 -16.21 3.15
CA ILE A 89 6.22 -15.49 2.04
C ILE A 89 5.34 -14.32 1.65
N THR A 90 5.87 -13.11 1.79
CA THR A 90 5.21 -11.88 1.37
C THR A 90 6.26 -10.81 1.10
N TYR A 91 5.90 -9.84 0.28
CA TYR A 91 6.75 -8.68 0.03
C TYR A 91 6.41 -7.49 0.91
N LYS A 92 5.31 -7.55 1.67
CA LYS A 92 4.72 -6.36 2.25
C LYS A 92 5.35 -5.91 3.56
N ASP A 93 6.45 -6.52 3.99
CA ASP A 93 7.05 -6.11 5.26
C ASP A 93 8.33 -5.29 5.09
N THR A 94 8.90 -5.20 3.90
CA THR A 94 10.03 -4.33 3.62
C THR A 94 9.58 -3.19 2.71
N VAL A 95 9.90 -1.96 3.12
CA VAL A 95 9.24 -0.78 2.57
C VAL A 95 9.64 -0.49 1.12
N GLN A 96 10.88 -0.82 0.72
CA GLN A 96 11.36 -0.39 -0.60
C GLN A 96 10.69 -1.16 -1.73
N LEU A 97 10.72 -2.50 -1.65
CA LEU A 97 10.10 -3.32 -2.68
C LEU A 97 8.58 -3.15 -2.66
N ARG A 98 8.00 -2.96 -1.47
CA ARG A 98 6.58 -2.69 -1.36
C ARG A 98 6.21 -1.39 -2.04
N ARG A 99 7.01 -0.34 -1.84
CA ARG A 99 6.74 0.96 -2.45
C ARG A 99 6.90 0.90 -3.96
N LYS A 100 7.89 0.15 -4.44
CA LYS A 100 8.08 0.03 -5.88
C LYS A 100 6.95 -0.78 -6.52
N LEU A 101 6.52 -1.87 -5.88
CA LEU A 101 5.44 -2.68 -6.43
C LEU A 101 4.11 -1.95 -6.37
N GLU A 102 3.89 -1.14 -5.33
CA GLU A 102 2.64 -0.41 -5.17
C GLU A 102 2.52 0.80 -6.09
N PHE A 103 3.47 1.02 -7.01
CA PHE A 103 3.24 1.94 -8.12
C PHE A 103 2.15 1.45 -9.06
N PHE A 104 1.89 0.14 -9.06
CA PHE A 104 0.94 -0.46 -9.97
C PHE A 104 -0.03 -1.36 -9.20
N THR A 105 -1.21 -1.57 -9.77
CA THR A 105 -2.26 -2.30 -9.06
C THR A 105 -2.17 -3.80 -9.29
N TYR A 106 -1.94 -4.23 -10.52
CA TYR A 106 -1.87 -5.65 -10.83
C TYR A 106 -0.53 -5.93 -11.52
N SER A 107 0.06 -7.08 -11.22
CA SER A 107 1.32 -7.44 -11.83
C SER A 107 1.42 -8.95 -12.00
N ARG A 108 2.16 -9.34 -13.03
CA ARG A 108 2.70 -10.69 -13.17
C ARG A 108 4.21 -10.58 -13.21
N PHE A 109 4.89 -11.45 -12.47
CA PHE A 109 6.34 -11.55 -12.57
C PHE A 109 6.78 -12.94 -12.18
N ASP A 110 7.78 -13.44 -12.89
CA ASP A 110 8.54 -14.57 -12.39
C ASP A 110 9.47 -14.09 -11.28
N MET A 111 9.83 -15.01 -10.41
CA MET A 111 10.37 -14.64 -9.10
C MET A 111 11.64 -15.44 -8.85
N GLU A 112 12.78 -14.75 -8.81
CA GLU A 112 14.08 -15.39 -8.60
C GLU A 112 14.55 -15.15 -7.18
N PHE A 113 14.43 -16.18 -6.34
CA PHE A 113 14.96 -16.15 -4.98
C PHE A 113 16.49 -16.19 -4.97
N THR A 114 17.08 -15.52 -3.97
CA THR A 114 18.49 -15.67 -3.67
C THR A 114 18.67 -15.60 -2.15
N PHE A 115 19.39 -16.56 -1.58
CA PHE A 115 19.56 -16.68 -0.14
C PHE A 115 21.02 -16.43 0.22
N VAL A 116 21.27 -15.47 1.11
CA VAL A 116 22.60 -15.20 1.65
C VAL A 116 22.59 -15.55 3.14
N VAL A 117 23.55 -16.36 3.57
CA VAL A 117 23.58 -16.90 4.93
C VAL A 117 24.85 -16.44 5.62
N THR A 118 24.72 -15.89 6.82
CA THR A 118 25.84 -15.44 7.63
C THR A 118 25.69 -15.98 9.04
N ALA A 119 26.77 -16.50 9.60
CA ALA A 119 26.75 -17.13 10.91
C ALA A 119 27.72 -16.43 11.85
N ASN A 120 27.45 -16.54 13.16
CA ASN A 120 28.32 -15.98 14.17
C ASN A 120 28.16 -16.74 15.48
N PHE A 121 29.21 -16.73 16.29
CA PHE A 121 29.16 -17.33 17.61
C PHE A 121 28.53 -16.36 18.60
N THR A 122 28.10 -16.91 19.74
CA THR A 122 27.39 -16.10 20.73
C THR A 122 27.87 -16.35 22.15
N GLU A 123 29.04 -16.96 22.34
CA GLU A 123 29.51 -17.34 23.66
C GLU A 123 31.02 -17.16 23.72
N THR A 124 31.54 -17.15 24.95
CA THR A 124 32.96 -17.44 25.16
C THR A 124 33.26 -18.81 24.56
N ASN A 125 34.36 -18.90 23.80
CA ASN A 125 34.48 -19.80 22.66
C ASN A 125 34.25 -21.26 23.01
N ASN A 126 35.06 -21.83 23.91
CA ASN A 126 34.88 -23.15 24.52
C ASN A 126 34.79 -24.30 23.50
N GLY A 127 35.35 -24.12 22.30
CA GLY A 127 35.26 -25.16 21.29
C GLY A 127 34.63 -24.60 20.03
N HIS A 128 35.32 -24.80 18.91
CA HIS A 128 34.87 -24.26 17.64
C HIS A 128 33.77 -25.14 17.03
N ALA A 129 33.29 -24.74 15.86
CA ALA A 129 32.21 -25.43 15.18
C ALA A 129 32.58 -25.64 13.72
N LEU A 130 32.20 -26.79 13.19
CA LEU A 130 32.49 -27.12 11.80
C LEU A 130 31.55 -26.37 10.85
N ASN A 131 31.82 -26.49 9.56
CA ASN A 131 31.05 -25.84 8.50
C ASN A 131 29.63 -26.39 8.43
N GLN A 132 28.64 -25.58 8.76
CA GLN A 132 27.27 -26.05 8.88
C GLN A 132 26.57 -26.15 7.53
N VAL A 133 25.55 -27.00 7.47
CA VAL A 133 24.74 -27.23 6.28
C VAL A 133 23.31 -26.80 6.60
N TYR A 134 22.71 -26.02 5.70
CA TYR A 134 21.38 -25.46 5.90
C TYR A 134 20.41 -26.02 4.88
N GLN A 135 19.24 -26.43 5.35
CA GLN A 135 18.17 -26.88 4.47
C GLN A 135 17.08 -25.81 4.41
N ILE A 136 16.70 -25.42 3.20
CA ILE A 136 15.69 -24.39 2.98
C ILE A 136 14.55 -25.06 2.22
N MET A 137 13.46 -25.35 2.92
CA MET A 137 12.34 -26.09 2.37
C MET A 137 11.20 -25.16 2.03
N TYR A 138 10.67 -25.29 0.82
CA TYR A 138 9.49 -24.55 0.39
C TYR A 138 8.27 -25.38 0.76
N VAL A 139 7.36 -24.77 1.52
CA VAL A 139 6.15 -25.42 2.00
C VAL A 139 4.97 -24.74 1.34
N PRO A 140 4.39 -25.32 0.28
CA PRO A 140 3.18 -24.75 -0.34
C PRO A 140 2.01 -24.78 0.62
N PRO A 141 0.98 -23.95 0.40
CA PRO A 141 -0.11 -23.83 1.39
C PRO A 141 -0.89 -25.12 1.62
N GLY A 142 -1.24 -25.36 2.88
CA GLY A 142 -1.92 -26.56 3.30
C GLY A 142 -1.02 -27.72 3.65
N ALA A 143 0.26 -27.66 3.28
CA ALA A 143 1.20 -28.71 3.64
C ALA A 143 1.55 -28.59 5.13
N PRO A 144 1.97 -29.70 5.77
CA PRO A 144 2.27 -29.66 7.21
C PRO A 144 3.52 -28.85 7.53
N VAL A 145 3.34 -27.75 8.25
CA VAL A 145 4.45 -26.97 8.80
C VAL A 145 5.17 -27.80 9.86
N PRO A 146 6.50 -27.79 9.89
CA PRO A 146 7.23 -28.57 10.90
C PRO A 146 6.94 -28.16 12.34
N GLU A 147 6.89 -29.16 13.21
CA GLU A 147 6.72 -28.95 14.65
C GLU A 147 8.02 -29.02 15.43
N LYS A 148 9.00 -29.76 14.93
CA LYS A 148 10.28 -29.94 15.59
C LYS A 148 11.37 -29.86 14.53
N TRP A 149 12.62 -29.74 14.99
CA TRP A 149 13.72 -29.67 14.04
C TRP A 149 13.98 -31.00 13.35
N ASP A 150 13.64 -32.10 14.01
CA ASP A 150 13.77 -33.44 13.45
C ASP A 150 12.41 -34.07 13.15
N ASP A 151 11.43 -33.25 12.80
CA ASP A 151 10.09 -33.74 12.45
C ASP A 151 10.13 -34.52 11.14
N TYR A 152 9.10 -35.34 10.92
CA TYR A 152 9.05 -36.21 9.75
C TYR A 152 8.87 -35.44 8.45
N THR A 153 8.32 -34.22 8.52
CA THR A 153 8.04 -33.47 7.30
C THR A 153 9.29 -32.93 6.63
N TRP A 154 10.43 -32.93 7.32
CA TRP A 154 11.70 -32.54 6.71
C TRP A 154 12.23 -33.58 5.73
N GLN A 155 11.62 -34.76 5.65
CA GLN A 155 12.09 -35.85 4.79
C GLN A 155 11.97 -35.55 3.29
N THR A 156 11.27 -34.47 2.92
CA THR A 156 11.25 -33.91 1.56
C THR A 156 10.66 -34.87 0.55
N SER A 157 9.45 -35.35 0.84
CA SER A 157 8.78 -36.28 -0.06
C SER A 157 8.37 -35.61 -1.37
N SER A 158 7.78 -34.41 -1.29
CA SER A 158 7.30 -33.75 -2.49
C SER A 158 7.65 -32.26 -2.52
N ASN A 159 8.02 -31.72 -1.36
CA ASN A 159 8.36 -30.30 -1.29
C ASN A 159 9.67 -30.02 -2.03
N PRO A 160 9.79 -28.87 -2.68
CA PRO A 160 11.11 -28.45 -3.17
C PRO A 160 12.00 -28.02 -2.01
N SER A 161 13.29 -28.33 -2.11
CA SER A 161 14.22 -27.99 -1.04
C SER A 161 15.59 -27.66 -1.61
N ILE A 162 16.32 -26.81 -0.89
CA ILE A 162 17.67 -26.40 -1.25
C ILE A 162 18.58 -26.67 -0.06
N PHE A 163 19.70 -27.35 -0.32
CA PHE A 163 20.72 -27.60 0.70
C PHE A 163 21.92 -26.71 0.40
N TYR A 164 22.24 -25.82 1.35
CA TYR A 164 23.32 -24.86 1.18
C TYR A 164 24.43 -25.15 2.17
N THR A 165 25.66 -25.20 1.68
CA THR A 165 26.84 -25.35 2.53
C THR A 165 27.49 -23.99 2.71
N TYR A 166 27.84 -23.67 3.95
CA TYR A 166 28.45 -22.38 4.27
C TYR A 166 29.80 -22.24 3.57
N GLY A 167 30.11 -21.01 3.18
CA GLY A 167 31.31 -20.74 2.40
C GLY A 167 31.16 -20.89 0.91
N THR A 168 30.03 -21.40 0.43
CA THR A 168 29.78 -21.45 -0.99
C THR A 168 29.12 -20.15 -1.45
N ALA A 169 28.98 -20.02 -2.77
CA ALA A 169 28.24 -18.91 -3.36
C ALA A 169 26.78 -18.97 -2.92
N PRO A 170 26.10 -17.82 -2.79
CA PRO A 170 24.69 -17.83 -2.38
C PRO A 170 23.77 -18.60 -3.32
N ALA A 171 22.85 -19.35 -2.73
CA ALA A 171 21.97 -20.22 -3.49
C ALA A 171 20.88 -19.43 -4.19
N ARG A 172 20.57 -19.81 -5.42
CA ARG A 172 19.58 -19.13 -6.22
C ARG A 172 18.62 -20.14 -6.83
N ILE A 173 17.32 -19.83 -6.77
CA ILE A 173 16.32 -20.66 -7.43
C ILE A 173 15.24 -19.74 -8.00
N SER A 174 14.62 -20.19 -9.07
CA SER A 174 13.57 -19.43 -9.75
C SER A 174 12.25 -20.15 -9.58
N VAL A 175 11.19 -19.39 -9.34
CA VAL A 175 9.84 -19.94 -9.32
C VAL A 175 9.02 -19.18 -10.35
N PRO A 176 8.17 -19.85 -11.15
CA PRO A 176 7.37 -19.13 -12.14
C PRO A 176 6.25 -18.29 -11.54
N TYR A 177 5.37 -17.78 -12.40
CA TYR A 177 4.18 -17.10 -11.90
C TYR A 177 3.26 -18.10 -11.22
N VAL A 178 3.22 -18.06 -9.89
CA VAL A 178 2.52 -19.08 -9.11
C VAL A 178 1.11 -18.66 -8.72
N GLY A 179 0.70 -17.43 -9.06
CA GLY A 179 -0.58 -16.92 -8.59
C GLY A 179 -1.76 -17.61 -9.24
N ILE A 180 -2.83 -17.78 -8.45
CA ILE A 180 -4.03 -18.47 -8.95
C ILE A 180 -4.78 -17.62 -9.96
N SER A 181 -4.73 -16.31 -9.83
CA SER A 181 -5.39 -15.41 -10.76
C SER A 181 -4.54 -15.22 -12.00
N ASN A 182 -5.05 -14.41 -12.93
CA ASN A 182 -4.26 -14.08 -14.11
C ASN A 182 -3.18 -13.05 -13.83
N ALA A 183 -3.26 -12.36 -12.68
CA ALA A 183 -2.21 -11.45 -12.23
C ALA A 183 -2.28 -11.36 -10.72
N TYR A 184 -1.17 -10.99 -10.10
CA TYR A 184 -1.20 -10.71 -8.67
C TYR A 184 -1.99 -9.43 -8.41
N SER A 185 -2.67 -9.39 -7.26
CA SER A 185 -3.38 -8.21 -6.83
C SER A 185 -2.67 -7.62 -5.64
N HIS A 186 -2.01 -6.48 -5.84
CA HIS A 186 -1.33 -5.82 -4.73
C HIS A 186 -2.33 -5.22 -3.76
N PHE A 187 -3.48 -4.79 -4.25
CA PHE A 187 -4.56 -4.27 -3.44
C PHE A 187 -5.81 -5.11 -3.70
N TYR A 188 -6.64 -5.26 -2.67
CA TYR A 188 -7.89 -6.01 -2.81
C TYR A 188 -8.97 -5.26 -2.05
N ASP A 189 -9.80 -4.53 -2.79
CA ASP A 189 -10.91 -3.77 -2.19
C ASP A 189 -12.09 -4.72 -1.98
N GLY A 190 -11.97 -5.55 -0.96
CA GLY A 190 -13.01 -6.51 -0.71
C GLY A 190 -12.77 -7.31 0.55
N PHE A 191 -13.57 -8.36 0.69
CA PHE A 191 -13.57 -9.24 1.84
C PHE A 191 -13.58 -10.68 1.36
N SER A 192 -13.06 -11.58 2.20
CA SER A 192 -13.08 -13.00 1.87
C SER A 192 -14.44 -13.64 2.08
N LYS A 193 -15.21 -13.18 3.06
CA LYS A 193 -16.53 -13.72 3.35
C LYS A 193 -17.51 -12.58 3.52
N VAL A 194 -18.76 -12.83 3.18
CA VAL A 194 -19.84 -11.87 3.34
C VAL A 194 -20.66 -12.25 4.57
N PRO A 195 -20.85 -11.36 5.53
CA PRO A 195 -21.74 -11.68 6.65
C PRO A 195 -23.19 -11.68 6.21
N LEU A 196 -23.92 -12.70 6.63
CA LEU A 196 -25.29 -12.91 6.19
C LEU A 196 -26.22 -12.84 7.40
N LYS A 197 -27.49 -12.54 7.14
CA LYS A 197 -28.44 -12.34 8.23
C LYS A 197 -28.79 -13.63 8.97
N ASP A 198 -28.52 -14.79 8.38
CA ASP A 198 -28.75 -16.07 9.04
C ASP A 198 -27.61 -16.49 9.96
N GLN A 199 -26.38 -16.13 9.62
CA GLN A 199 -25.21 -16.56 10.37
C GLN A 199 -24.96 -15.66 11.58
N SER A 200 -24.28 -16.22 12.58
CA SER A 200 -23.89 -15.45 13.75
C SER A 200 -22.75 -14.51 13.41
N ALA A 201 -22.54 -13.53 14.30
CA ALA A 201 -21.53 -12.50 14.09
C ALA A 201 -20.12 -13.07 14.10
N ALA A 202 -19.88 -14.10 14.92
CA ALA A 202 -18.55 -14.65 15.05
C ALA A 202 -18.13 -15.44 13.80
N LEU A 203 -19.10 -15.93 13.02
CA LEU A 203 -18.77 -16.75 11.88
C LEU A 203 -18.66 -15.96 10.58
N GLY A 204 -19.32 -14.81 10.49
CA GLY A 204 -19.35 -14.07 9.24
C GLY A 204 -18.24 -13.06 9.05
N ASP A 205 -17.44 -12.81 10.10
CA ASP A 205 -16.45 -11.74 10.06
C ASP A 205 -15.28 -12.12 9.15
N SER A 206 -14.61 -11.08 8.65
CA SER A 206 -13.46 -11.25 7.77
C SER A 206 -12.58 -10.01 7.81
N LEU A 207 -11.31 -10.18 7.48
CA LEU A 207 -10.39 -9.06 7.38
C LEU A 207 -10.67 -8.26 6.13
N TYR A 208 -10.55 -6.94 6.24
CA TYR A 208 -10.66 -6.10 5.07
C TYR A 208 -9.32 -6.01 4.37
N GLY A 209 -9.36 -6.07 3.05
CA GLY A 209 -8.15 -5.94 2.25
C GLY A 209 -7.41 -7.23 2.00
N ALA A 210 -7.43 -8.16 2.96
CA ALA A 210 -6.69 -9.41 2.85
C ALA A 210 -7.43 -10.34 1.90
N ALA A 211 -6.90 -10.48 0.69
CA ALA A 211 -7.53 -11.34 -0.31
C ALA A 211 -7.45 -12.82 0.07
N SER A 212 -6.36 -13.24 0.70
CA SER A 212 -6.19 -14.62 1.13
C SER A 212 -5.24 -14.64 2.31
N LEU A 213 -5.36 -15.69 3.12
CA LEU A 213 -4.60 -15.80 4.36
C LEU A 213 -3.28 -16.54 4.18
N ASN A 214 -3.07 -17.19 3.03
CA ASN A 214 -1.80 -17.83 2.69
C ASN A 214 -1.66 -17.71 1.17
N ASP A 215 -0.92 -16.67 0.75
CA ASP A 215 -0.88 -16.33 -0.67
C ASP A 215 0.06 -17.25 -1.44
N PHE A 216 1.32 -17.35 -1.01
CA PHE A 216 2.36 -17.97 -1.82
C PHE A 216 3.08 -19.12 -1.14
N GLY A 217 2.66 -19.49 0.07
CA GLY A 217 3.30 -20.59 0.77
C GLY A 217 4.32 -20.12 1.79
N ILE A 218 5.02 -21.11 2.34
CA ILE A 218 5.83 -20.94 3.55
C ILE A 218 7.24 -21.43 3.26
N LEU A 219 8.24 -20.70 3.74
CA LEU A 219 9.62 -21.17 3.76
C LEU A 219 10.00 -21.63 5.17
N ALA A 220 10.76 -22.71 5.25
CA ALA A 220 11.26 -23.21 6.51
C ALA A 220 12.74 -23.52 6.38
N VAL A 221 13.54 -23.03 7.33
CA VAL A 221 14.99 -23.21 7.33
C VAL A 221 15.40 -23.87 8.64
N ARG A 222 16.30 -24.85 8.57
CA ARG A 222 16.85 -25.50 9.75
C ARG A 222 18.32 -25.78 9.55
N VAL A 223 19.04 -25.96 10.66
CA VAL A 223 20.41 -26.42 10.63
C VAL A 223 20.41 -27.94 10.64
N VAL A 224 21.01 -28.56 9.63
CA VAL A 224 21.01 -30.01 9.50
C VAL A 224 21.88 -30.67 10.57
N ASN A 225 22.95 -29.99 10.98
CA ASN A 225 23.94 -30.56 11.89
C ASN A 225 23.35 -30.84 13.27
N ASP A 226 24.00 -31.76 13.97
CA ASP A 226 23.64 -32.09 15.34
C ASP A 226 24.01 -30.94 16.29
N HIS A 227 23.66 -31.13 17.56
CA HIS A 227 24.01 -30.16 18.59
C HIS A 227 25.52 -30.05 18.76
N ASN A 228 26.07 -28.92 18.34
CA ASN A 228 27.46 -28.62 18.61
C ASN A 228 27.66 -28.38 20.10
N PRO A 229 28.88 -28.55 20.61
CA PRO A 229 29.11 -28.27 22.05
C PRO A 229 28.94 -26.82 22.44
N THR A 230 29.00 -25.88 21.49
CA THR A 230 28.86 -24.46 21.77
C THR A 230 27.93 -23.84 20.73
N LYS A 231 27.21 -22.81 21.16
CA LYS A 231 26.10 -22.28 20.38
C LYS A 231 26.58 -21.47 19.18
N VAL A 232 25.97 -21.71 18.03
CA VAL A 232 26.21 -20.94 16.82
C VAL A 232 24.87 -20.44 16.31
N THR A 233 24.80 -19.16 15.97
CA THR A 233 23.57 -18.52 15.52
C THR A 233 23.80 -17.91 14.15
N SER A 234 22.80 -18.04 13.28
CA SER A 234 22.97 -17.58 11.91
C SER A 234 21.68 -16.93 11.43
N LYS A 235 21.84 -16.01 10.48
CA LYS A 235 20.73 -15.27 9.90
C LYS A 235 20.73 -15.45 8.40
N ILE A 236 19.55 -15.65 7.84
CA ILE A 236 19.37 -15.86 6.41
C ILE A 236 18.63 -14.66 5.84
N ARG A 237 19.19 -14.07 4.79
CA ARG A 237 18.57 -12.95 4.11
C ARG A 237 18.08 -13.40 2.74
N VAL A 238 16.81 -13.15 2.46
CA VAL A 238 16.17 -13.61 1.23
C VAL A 238 15.99 -12.41 0.30
N TYR A 239 16.42 -12.57 -0.94
CA TYR A 239 16.40 -11.48 -1.92
C TYR A 239 15.48 -11.82 -3.08
N LEU A 240 14.62 -10.87 -3.44
CA LEU A 240 13.61 -11.03 -4.49
C LEU A 240 14.02 -10.24 -5.71
N LYS A 241 14.05 -10.90 -6.87
CA LYS A 241 14.37 -10.22 -8.13
C LYS A 241 13.30 -10.62 -9.15
N PRO A 242 12.34 -9.75 -9.41
CA PRO A 242 11.32 -10.07 -10.42
C PRO A 242 11.90 -10.16 -11.83
N LYS A 243 11.43 -11.16 -12.57
CA LYS A 243 11.79 -11.36 -13.96
C LYS A 243 10.54 -11.36 -14.80
N HIS A 244 10.67 -10.89 -16.04
CA HIS A 244 9.62 -10.88 -17.06
C HIS A 244 8.38 -10.13 -16.62
N ILE A 245 8.58 -9.05 -15.86
CA ILE A 245 7.47 -8.39 -15.17
C ILE A 245 6.62 -7.61 -16.16
N ARG A 246 5.30 -7.75 -16.00
CA ARG A 246 4.31 -6.91 -16.66
C ARG A 246 3.43 -6.29 -15.58
N VAL A 247 3.12 -5.01 -15.72
CA VAL A 247 2.32 -4.28 -14.74
C VAL A 247 1.21 -3.54 -15.48
N TRP A 248 0.07 -3.33 -14.80
CA TRP A 248 -1.18 -3.07 -15.52
C TRP A 248 -1.97 -1.84 -15.12
N CYS A 249 -1.87 -1.33 -13.89
CA CYS A 249 -2.69 -0.15 -13.61
C CYS A 249 -1.96 0.82 -12.70
N PRO A 250 -1.58 1.99 -13.21
CA PRO A 250 -0.73 2.91 -12.42
C PRO A 250 -1.46 3.50 -11.23
N ARG A 251 -0.66 3.93 -10.26
CA ARG A 251 -1.16 4.45 -8.99
C ARG A 251 -0.18 5.47 -8.45
N PRO A 252 -0.64 6.42 -7.65
CA PRO A 252 0.27 7.30 -6.92
C PRO A 252 1.11 6.51 -5.94
N PRO A 253 2.37 6.87 -5.78
CA PRO A 253 3.21 6.20 -4.78
C PRO A 253 2.82 6.61 -3.38
N ARG A 254 3.11 5.72 -2.44
CA ARG A 254 2.76 5.94 -1.05
C ARG A 254 3.61 7.06 -0.46
N ALA A 255 2.95 8.05 0.15
CA ALA A 255 3.64 9.20 0.71
C ALA A 255 3.92 9.03 2.20
N VAL A 256 2.90 8.68 2.98
CA VAL A 256 3.04 8.57 4.42
C VAL A 256 3.64 7.20 4.77
N ALA A 257 4.22 7.10 5.95
CA ALA A 257 4.89 5.88 6.38
C ALA A 257 3.90 4.73 6.55
N TYR A 258 4.37 3.51 6.31
CA TYR A 258 3.53 2.33 6.29
C TYR A 258 3.15 1.90 7.70
N TYR A 259 2.10 1.08 7.77
CA TYR A 259 1.61 0.56 9.05
C TYR A 259 0.83 -0.71 8.75
N GLY A 260 1.39 -1.86 9.11
CA GLY A 260 0.74 -3.14 8.91
C GLY A 260 0.65 -3.56 7.46
N PRO A 261 -0.06 -4.65 7.19
CA PRO A 261 -0.19 -5.13 5.81
C PRO A 261 -1.10 -4.27 4.96
N GLY A 262 -2.07 -3.60 5.56
CA GLY A 262 -3.04 -2.82 4.83
C GLY A 262 -2.54 -1.45 4.46
N VAL A 263 -3.48 -0.64 3.96
CA VAL A 263 -3.17 0.74 3.54
C VAL A 263 -3.33 1.74 4.67
N ASP A 264 -3.55 1.28 5.90
CA ASP A 264 -3.75 2.14 7.07
C ASP A 264 -2.53 3.00 7.38
N TYR A 265 -2.74 4.11 8.08
CA TYR A 265 -1.65 5.00 8.46
C TYR A 265 -1.72 5.32 9.96
N LYS A 266 -0.55 5.46 10.57
CA LYS A 266 -0.44 5.68 12.00
C LYS A 266 -0.78 7.13 12.35
N ASP A 267 -1.25 7.31 13.59
CA ASP A 267 -1.54 8.64 14.11
C ASP A 267 -0.26 9.46 14.24
N GLY A 268 -0.41 10.77 14.10
CA GLY A 268 0.68 11.69 14.33
C GLY A 268 1.63 11.89 13.16
N THR A 269 2.01 10.81 12.47
CA THR A 269 3.01 10.87 11.41
C THR A 269 2.46 11.31 10.06
N LEU A 270 1.32 12.01 10.02
CA LEU A 270 0.62 12.29 8.77
C LEU A 270 1.06 13.58 8.10
N THR A 271 2.33 13.97 8.27
CA THR A 271 2.83 15.24 7.75
C THR A 271 3.97 15.00 6.75
N PRO A 272 3.63 14.76 5.48
CA PRO A 272 4.70 14.52 4.49
C PRO A 272 5.45 15.77 4.07
N LEU A 273 4.78 16.90 3.92
CA LEU A 273 5.45 18.08 3.40
C LEU A 273 6.20 18.82 4.49
N SER A 274 7.05 19.76 4.08
CA SER A 274 7.86 20.57 4.98
C SER A 274 7.70 22.05 4.62
N THR A 275 8.10 22.91 5.55
CA THR A 275 7.82 24.34 5.43
C THR A 275 8.69 25.00 4.36
N LYS A 276 8.05 25.85 3.54
CA LYS A 276 8.70 26.69 2.55
C LYS A 276 7.87 27.96 2.40
N ASP A 277 8.08 28.74 1.34
CA ASP A 277 7.34 29.97 1.11
C ASP A 277 6.96 30.02 -0.35
N LEU A 278 5.78 30.61 -0.62
CA LEU A 278 5.25 30.69 -1.98
C LEU A 278 6.09 31.60 -2.87
N THR A 279 6.77 32.58 -2.29
CA THR A 279 7.51 33.57 -3.05
C THR A 279 9.00 33.55 -2.72
N THR A 280 9.58 32.37 -2.58
CA THR A 280 11.00 32.22 -2.29
C THR A 280 11.58 31.13 -3.18
N TYR A 281 12.50 31.51 -4.06
CA TYR A 281 13.17 30.57 -4.94
C TYR A 281 14.07 29.62 -4.16
N SER B 1 -21.02 20.49 -32.97
CA SER B 1 -20.03 21.00 -32.03
C SER B 1 -19.58 19.91 -31.07
N ASP B 2 -18.84 20.29 -30.04
CA ASP B 2 -18.27 19.34 -29.09
C ASP B 2 -18.79 19.53 -27.67
N ARG B 3 -19.27 20.72 -27.31
CA ARG B 3 -19.79 20.96 -25.96
C ARG B 3 -21.09 20.23 -25.70
N VAL B 4 -21.86 19.90 -26.74
CA VAL B 4 -23.13 19.21 -26.58
C VAL B 4 -22.90 17.71 -26.75
N LEU B 5 -23.62 16.92 -25.96
CA LEU B 5 -23.44 15.47 -25.94
C LEU B 5 -24.74 14.80 -25.57
N GLN B 6 -25.04 13.67 -26.22
CA GLN B 6 -26.18 12.85 -25.84
C GLN B 6 -25.72 11.42 -25.63
N LEU B 7 -26.03 10.85 -24.47
CA LEU B 7 -25.71 9.47 -24.13
C LEU B 7 -27.01 8.70 -24.02
N THR B 8 -27.17 7.66 -24.85
CA THR B 8 -28.35 6.82 -24.82
C THR B 8 -27.96 5.41 -24.41
N LEU B 9 -28.51 4.94 -23.30
CA LEU B 9 -28.27 3.60 -22.81
C LEU B 9 -29.58 3.04 -22.26
N GLY B 10 -30.10 2.01 -22.91
CA GLY B 10 -31.38 1.45 -22.53
C GLY B 10 -32.49 2.44 -22.81
N ASN B 11 -33.43 2.53 -21.88
CA ASN B 11 -34.51 3.50 -22.01
C ASN B 11 -34.15 4.87 -21.48
N SER B 12 -32.98 5.02 -20.88
CA SER B 12 -32.54 6.30 -20.33
C SER B 12 -31.75 7.08 -21.36
N THR B 13 -31.91 8.40 -21.36
CA THR B 13 -31.07 9.26 -22.18
C THR B 13 -30.65 10.48 -21.38
N ILE B 14 -29.40 10.87 -21.52
CA ILE B 14 -28.83 12.02 -20.82
C ILE B 14 -28.35 13.01 -21.87
N THR B 15 -28.85 14.24 -21.80
CA THR B 15 -28.48 15.29 -22.73
C THR B 15 -27.88 16.45 -21.96
N THR B 16 -26.67 16.86 -22.36
CA THR B 16 -25.94 17.92 -21.67
C THR B 16 -25.40 18.91 -22.70
N GLN B 17 -25.53 20.20 -22.39
CA GLN B 17 -25.15 21.25 -23.32
C GLN B 17 -23.76 21.82 -23.08
N GLU B 18 -23.15 21.56 -21.93
CA GLU B 18 -21.85 22.12 -21.57
C GLU B 18 -20.90 21.03 -21.13
N ALA B 19 -20.82 19.96 -21.90
CA ALA B 19 -19.95 18.84 -21.58
C ALA B 19 -18.55 19.03 -22.14
N ALA B 20 -17.56 18.55 -21.41
CA ALA B 20 -16.27 18.26 -22.00
C ALA B 20 -16.34 16.92 -22.72
N ASN B 21 -15.37 16.68 -23.60
CA ASN B 21 -15.32 15.40 -24.31
C ASN B 21 -15.06 14.26 -23.32
N SER B 22 -15.83 13.18 -23.46
CA SER B 22 -15.84 12.11 -22.48
C SER B 22 -14.55 11.32 -22.50
N VAL B 23 -14.22 10.75 -21.34
CA VAL B 23 -12.99 9.99 -21.15
C VAL B 23 -13.35 8.51 -21.22
N VAL B 24 -12.71 7.79 -22.13
CA VAL B 24 -12.74 6.34 -22.14
C VAL B 24 -11.51 5.90 -21.36
N ALA B 25 -11.73 5.43 -20.15
CA ALA B 25 -10.64 5.14 -19.22
C ALA B 25 -9.76 4.01 -19.75
N TYR B 26 -8.45 4.27 -19.73
CA TYR B 26 -7.40 3.37 -20.21
C TYR B 26 -7.57 2.96 -21.67
N GLY B 27 -8.23 3.80 -22.47
CA GLY B 27 -8.33 3.59 -23.90
C GLY B 27 -9.16 2.41 -24.36
N ARG B 28 -9.93 1.80 -23.48
CA ARG B 28 -10.66 0.58 -23.80
C ARG B 28 -12.14 0.78 -23.52
N TRP B 29 -12.95 0.59 -24.54
CA TRP B 29 -14.39 0.56 -24.41
C TRP B 29 -14.82 -0.77 -23.79
N PRO B 30 -15.89 -0.79 -22.99
CA PRO B 30 -16.34 -2.05 -22.38
C PRO B 30 -16.78 -3.08 -23.42
N GLU B 31 -16.56 -4.34 -23.10
CA GLU B 31 -16.78 -5.44 -24.03
C GLU B 31 -17.26 -6.66 -23.27
N TYR B 32 -17.92 -7.57 -23.97
CA TYR B 32 -18.29 -8.85 -23.39
C TYR B 32 -17.07 -9.76 -23.30
N LEU B 33 -17.25 -10.88 -22.60
CA LEU B 33 -16.19 -11.88 -22.50
C LEU B 33 -15.91 -12.52 -23.85
N ARG B 34 -14.64 -12.50 -24.25
CA ARG B 34 -14.22 -13.23 -25.44
C ARG B 34 -14.10 -14.71 -25.10
N ASP B 35 -14.18 -15.54 -26.13
CA ASP B 35 -14.08 -16.99 -25.94
C ASP B 35 -12.70 -17.41 -25.48
N SER B 36 -11.67 -16.65 -25.82
CA SER B 36 -10.31 -17.00 -25.43
C SER B 36 -10.02 -16.69 -23.96
N GLU B 37 -10.88 -15.95 -23.28
CA GLU B 37 -10.61 -15.52 -21.91
C GLU B 37 -11.61 -16.03 -20.89
N ALA B 38 -12.70 -16.66 -21.31
CA ALA B 38 -13.75 -17.07 -20.38
C ALA B 38 -13.31 -18.27 -19.57
N ASN B 39 -13.25 -18.11 -18.26
CA ASN B 39 -12.98 -19.22 -17.34
C ASN B 39 -14.20 -20.07 -16.98
N PRO B 40 -15.38 -19.54 -16.60
CA PRO B 40 -16.48 -20.46 -16.26
C PRO B 40 -17.12 -21.10 -17.49
N VAL B 41 -17.65 -22.30 -17.29
CA VAL B 41 -18.24 -23.03 -18.41
C VAL B 41 -19.75 -22.86 -18.54
N ASP B 42 -20.43 -22.42 -17.48
CA ASP B 42 -21.86 -22.21 -17.54
C ASP B 42 -22.21 -21.03 -18.44
N GLN B 43 -23.41 -21.08 -19.01
CA GLN B 43 -23.83 -20.07 -19.97
C GLN B 43 -24.09 -18.74 -19.29
N PRO B 44 -23.47 -17.65 -19.73
CA PRO B 44 -23.64 -16.37 -19.05
C PRO B 44 -24.97 -15.72 -19.38
N THR B 45 -25.53 -15.02 -18.39
CA THR B 45 -26.70 -14.19 -18.60
C THR B 45 -26.25 -12.78 -18.98
N GLU B 46 -26.72 -12.31 -20.13
CA GLU B 46 -26.46 -10.95 -20.59
C GLU B 46 -27.78 -10.19 -20.59
N PRO B 47 -28.13 -9.52 -19.49
CA PRO B 47 -29.47 -8.92 -19.37
C PRO B 47 -29.68 -7.69 -20.23
N ASP B 48 -28.61 -7.07 -20.73
CA ASP B 48 -28.63 -5.94 -21.65
C ASP B 48 -29.47 -4.76 -21.17
N VAL B 49 -30.58 -4.50 -21.87
CA VAL B 49 -31.43 -3.32 -21.61
C VAL B 49 -32.00 -3.31 -20.21
N ALA B 50 -32.19 -4.48 -19.59
CA ALA B 50 -32.75 -4.55 -18.25
C ALA B 50 -31.78 -4.06 -17.18
N ALA B 51 -30.50 -3.90 -17.50
CA ALA B 51 -29.53 -3.42 -16.52
C ALA B 51 -28.73 -2.23 -17.04
N CYS B 52 -28.54 -2.15 -18.36
CA CYS B 52 -27.77 -1.05 -18.97
C CYS B 52 -28.64 0.21 -19.10
N ARG B 53 -28.91 0.83 -17.96
CA ARG B 53 -29.64 2.07 -17.92
C ARG B 53 -29.09 2.92 -16.79
N PHE B 54 -29.37 4.22 -16.86
CA PHE B 54 -28.77 5.18 -15.93
C PHE B 54 -29.55 5.22 -14.62
N TYR B 55 -28.88 4.89 -13.52
CA TYR B 55 -29.43 4.99 -12.18
C TYR B 55 -28.79 6.18 -11.47
N THR B 56 -29.61 6.99 -10.81
CA THR B 56 -29.12 8.17 -10.10
C THR B 56 -29.07 7.87 -8.61
N LEU B 57 -27.89 8.09 -8.02
CA LEU B 57 -27.70 7.91 -6.58
C LEU B 57 -28.28 9.10 -5.82
N ASP B 58 -28.04 9.11 -4.51
CA ASP B 58 -28.40 10.24 -3.67
C ASP B 58 -27.60 11.48 -4.05
N THR B 59 -28.23 12.64 -3.94
CA THR B 59 -27.59 13.90 -4.31
C THR B 59 -26.94 14.51 -3.07
N VAL B 60 -25.62 14.65 -3.10
CA VAL B 60 -24.89 15.28 -2.01
C VAL B 60 -24.97 16.79 -2.15
N SER B 61 -24.83 17.48 -1.03
CA SER B 61 -24.85 18.94 -1.00
C SER B 61 -23.44 19.47 -0.76
N TRP B 62 -23.00 20.38 -1.63
CA TRP B 62 -21.66 20.94 -1.60
C TRP B 62 -21.72 22.30 -0.92
N THR B 63 -20.90 22.49 0.11
CA THR B 63 -20.88 23.70 0.91
C THR B 63 -19.44 24.20 1.01
N LYS B 64 -19.27 25.33 1.70
CA LYS B 64 -17.94 25.83 2.01
C LYS B 64 -17.16 24.83 2.87
N GLU B 65 -17.84 24.23 3.84
CA GLU B 65 -17.18 23.34 4.79
C GLU B 65 -16.98 21.92 4.26
N SER B 66 -17.53 21.60 3.09
CA SER B 66 -17.50 20.24 2.57
C SER B 66 -16.09 19.82 2.17
N ARG B 67 -15.72 18.60 2.52
CA ARG B 67 -14.37 18.10 2.26
C ARG B 67 -14.29 17.15 1.08
N GLY B 68 -15.38 16.48 0.72
CA GLY B 68 -15.38 15.54 -0.38
C GLY B 68 -16.16 14.28 -0.06
N TRP B 69 -16.42 13.52 -1.12
CA TRP B 69 -17.31 12.36 -1.08
C TRP B 69 -16.69 11.22 -1.87
N TRP B 70 -17.10 9.99 -1.55
CA TRP B 70 -16.62 8.81 -2.24
C TRP B 70 -17.71 7.74 -2.32
N TRP B 71 -17.62 6.90 -3.35
CA TRP B 71 -18.56 5.82 -3.58
C TRP B 71 -17.80 4.59 -4.05
N LYS B 72 -18.44 3.44 -3.90
CA LYS B 72 -17.90 2.17 -4.38
C LYS B 72 -18.85 1.59 -5.41
N LEU B 73 -18.28 1.04 -6.49
CA LEU B 73 -19.05 0.33 -7.49
C LEU B 73 -18.63 -1.13 -7.50
N PRO B 74 -19.57 -2.08 -7.70
CA PRO B 74 -21.00 -1.94 -7.93
C PRO B 74 -21.83 -1.80 -6.67
N ASP B 75 -21.19 -1.63 -5.51
CA ASP B 75 -21.86 -1.57 -4.21
C ASP B 75 -22.95 -0.51 -4.14
N ALA B 76 -22.71 0.67 -4.71
CA ALA B 76 -23.69 1.74 -4.68
C ALA B 76 -24.93 1.42 -5.50
N LEU B 77 -24.84 0.49 -6.45
CA LEU B 77 -25.97 0.10 -7.27
C LEU B 77 -26.72 -1.11 -6.72
N ARG B 78 -26.41 -1.55 -5.50
CA ARG B 78 -26.99 -2.78 -4.97
C ARG B 78 -28.48 -2.65 -4.69
N ASP B 79 -28.97 -1.44 -4.42
CA ASP B 79 -30.39 -1.22 -4.24
C ASP B 79 -31.12 -0.86 -5.54
N MET B 80 -30.39 -0.70 -6.64
CA MET B 80 -30.98 -0.17 -7.88
C MET B 80 -31.42 -1.32 -8.77
N GLY B 81 -32.68 -1.72 -8.62
CA GLY B 81 -33.44 -2.51 -9.57
C GLY B 81 -32.87 -3.86 -9.93
N LEU B 82 -33.04 -4.21 -11.21
CA LEU B 82 -32.70 -5.55 -11.70
C LEU B 82 -31.21 -5.80 -11.67
N PHE B 83 -30.39 -4.76 -11.78
CA PHE B 83 -28.95 -4.92 -11.62
C PHE B 83 -28.59 -5.35 -10.20
N GLY B 84 -29.23 -4.73 -9.21
CA GLY B 84 -29.01 -5.15 -7.83
C GLY B 84 -29.52 -6.55 -7.55
N GLN B 85 -30.67 -6.90 -8.12
CA GLN B 85 -31.20 -8.25 -7.92
C GLN B 85 -30.32 -9.31 -8.59
N ASN B 86 -29.81 -9.01 -9.79
CA ASN B 86 -28.89 -9.92 -10.45
C ASN B 86 -27.57 -10.03 -9.71
N MET B 87 -27.12 -8.94 -9.08
CA MET B 87 -25.96 -9.00 -8.19
C MET B 87 -26.22 -9.93 -7.02
N TYR B 88 -27.41 -9.85 -6.43
CA TYR B 88 -27.73 -10.69 -5.29
C TYR B 88 -28.07 -12.13 -5.65
N TYR B 89 -28.34 -12.43 -6.92
CA TYR B 89 -28.73 -13.79 -7.27
C TYR B 89 -27.62 -14.59 -7.94
N HIS B 90 -26.61 -13.94 -8.50
CA HIS B 90 -25.54 -14.63 -9.21
C HIS B 90 -24.24 -14.56 -8.44
N TYR B 91 -23.46 -15.64 -8.52
CA TYR B 91 -22.18 -15.71 -7.83
C TYR B 91 -21.13 -14.85 -8.51
N LEU B 92 -21.08 -14.87 -9.83
CA LEU B 92 -20.06 -14.16 -10.59
C LEU B 92 -20.71 -13.13 -11.49
N GLY B 93 -19.99 -12.03 -11.73
CA GLY B 93 -20.46 -11.03 -12.67
C GLY B 93 -19.40 -10.02 -13.01
N ARG B 94 -19.63 -9.33 -14.12
CA ARG B 94 -18.74 -8.25 -14.54
C ARG B 94 -19.54 -7.25 -15.34
N SER B 95 -19.13 -5.98 -15.25
CA SER B 95 -19.73 -4.93 -16.06
C SER B 95 -18.76 -3.75 -16.13
N GLY B 96 -18.81 -3.05 -17.26
CA GLY B 96 -18.26 -1.71 -17.32
C GLY B 96 -19.24 -0.73 -16.72
N TYR B 97 -18.80 0.53 -16.61
CA TYR B 97 -19.66 1.57 -16.07
C TYR B 97 -19.45 2.86 -16.84
N THR B 98 -20.55 3.56 -17.11
CA THR B 98 -20.51 4.95 -17.53
C THR B 98 -20.90 5.81 -16.34
N VAL B 99 -19.96 6.61 -15.86
CA VAL B 99 -20.18 7.46 -14.69
C VAL B 99 -20.40 8.88 -15.20
N HIS B 100 -21.52 9.47 -14.84
CA HIS B 100 -21.87 10.82 -15.25
C HIS B 100 -22.15 11.64 -14.00
N VAL B 101 -21.41 12.73 -13.83
CA VAL B 101 -21.56 13.62 -12.69
C VAL B 101 -22.14 14.93 -13.19
N GLN B 102 -23.22 15.39 -12.57
CA GLN B 102 -23.87 16.64 -12.92
C GLN B 102 -23.72 17.63 -11.77
N CYS B 103 -23.19 18.81 -12.07
CA CYS B 103 -23.07 19.87 -11.06
C CYS B 103 -23.20 21.19 -11.80
N ASN B 104 -24.36 21.81 -11.70
CA ASN B 104 -24.64 23.05 -12.42
C ASN B 104 -24.53 24.24 -11.48
N ALA B 105 -23.95 25.32 -11.99
CA ALA B 105 -23.80 26.55 -11.23
C ALA B 105 -23.84 27.72 -12.20
N SER B 106 -24.09 28.90 -11.65
CA SER B 106 -24.17 30.10 -12.48
C SER B 106 -22.78 30.52 -12.93
N LYS B 107 -22.76 31.46 -13.89
CA LYS B 107 -21.50 32.06 -14.33
C LYS B 107 -20.84 32.91 -13.25
N PHE B 108 -21.57 33.28 -12.20
CA PHE B 108 -21.02 34.05 -11.10
C PHE B 108 -20.44 33.18 -9.98
N HIS B 109 -20.79 31.90 -9.95
CA HIS B 109 -20.15 30.97 -9.02
C HIS B 109 -18.76 30.59 -9.51
N GLN B 110 -17.93 30.12 -8.58
CA GLN B 110 -16.62 29.60 -8.93
C GLN B 110 -16.29 28.42 -8.01
N GLY B 111 -15.45 27.53 -8.52
CA GLY B 111 -15.07 26.32 -7.82
C GLY B 111 -14.75 25.22 -8.80
N ALA B 112 -14.08 24.19 -8.30
CA ALA B 112 -13.65 23.09 -9.15
C ALA B 112 -13.75 21.76 -8.40
N LEU B 113 -14.34 20.76 -9.05
CA LEU B 113 -14.41 19.41 -8.52
C LEU B 113 -13.51 18.50 -9.33
N GLY B 114 -12.75 17.66 -8.64
CA GLY B 114 -12.06 16.58 -9.31
C GLY B 114 -12.81 15.27 -9.18
N VAL B 115 -13.18 14.67 -10.29
CA VAL B 115 -13.87 13.38 -10.30
C VAL B 115 -12.84 12.33 -10.69
N PHE B 116 -12.51 11.44 -9.76
CA PHE B 116 -11.44 10.48 -9.92
C PHE B 116 -12.00 9.07 -9.90
N ALA B 117 -11.58 8.26 -10.87
CA ALA B 117 -11.95 6.85 -10.93
C ALA B 117 -10.74 6.03 -10.50
N VAL B 118 -10.88 5.33 -9.38
CA VAL B 118 -9.78 4.62 -8.73
C VAL B 118 -10.07 3.12 -8.81
N PRO B 119 -9.24 2.33 -9.49
CA PRO B 119 -9.34 0.89 -9.34
C PRO B 119 -8.80 0.46 -7.99
N GLU B 120 -9.58 -0.41 -7.33
CA GLU B 120 -9.27 -0.96 -6.00
C GLU B 120 -9.07 0.16 -4.96
N MET B 121 -10.08 0.99 -4.79
CA MET B 121 -9.98 2.17 -3.92
C MET B 121 -10.02 1.78 -2.45
N CYS B 122 -8.96 1.15 -1.95
CA CYS B 122 -8.88 0.83 -0.54
C CYS B 122 -8.74 2.10 0.30
N LEU B 123 -9.23 2.02 1.54
CA LEU B 123 -9.25 3.17 2.43
C LEU B 123 -8.77 2.75 3.81
N ALA B 124 -8.20 3.71 4.54
CA ALA B 124 -7.63 3.43 5.85
C ALA B 124 -8.69 3.36 6.94
N GLY B 125 -8.42 2.55 7.97
CA GLY B 125 -9.35 2.39 9.07
C GLY B 125 -9.12 3.39 10.19
N ASP B 126 -10.14 3.49 11.06
CA ASP B 126 -10.05 4.37 12.23
C ASP B 126 -9.01 3.87 13.23
N SER B 127 -8.89 2.56 13.37
CA SER B 127 -8.19 1.94 14.50
C SER B 127 -6.68 1.98 14.26
N ASN B 128 -6.00 2.88 14.96
CA ASN B 128 -4.54 2.83 15.00
C ASN B 128 -4.01 1.61 15.75
N THR B 129 -4.84 0.97 16.57
CA THR B 129 -4.41 -0.20 17.32
C THR B 129 -4.61 -1.53 16.59
N THR B 130 -5.51 -1.58 15.58
CA THR B 130 -5.77 -2.82 14.86
C THR B 130 -5.97 -2.50 13.39
N THR B 131 -5.04 -2.96 12.55
CA THR B 131 -5.17 -2.80 11.12
C THR B 131 -6.29 -3.70 10.57
N MET B 132 -6.81 -3.31 9.40
CA MET B 132 -7.68 -4.10 8.54
C MET B 132 -9.00 -4.51 9.20
N HIS B 133 -9.45 -3.79 10.21
CA HIS B 133 -10.55 -4.22 11.06
C HIS B 133 -11.93 -3.71 10.62
N THR B 134 -12.02 -2.97 9.51
CA THR B 134 -13.28 -2.36 9.12
C THR B 134 -14.29 -3.41 8.67
N SER B 135 -15.50 -3.33 9.23
CA SER B 135 -16.52 -4.34 9.00
C SER B 135 -17.19 -4.12 7.65
N TYR B 136 -17.90 -5.16 7.20
CA TYR B 136 -18.58 -5.10 5.91
C TYR B 136 -19.74 -4.11 5.93
N GLN B 137 -20.36 -3.94 7.10
CA GLN B 137 -21.45 -2.97 7.24
C GLN B 137 -20.98 -1.54 6.99
N ASN B 138 -19.80 -1.20 7.52
CA ASN B 138 -19.29 0.16 7.36
C ASN B 138 -18.53 0.35 6.05
N ALA B 139 -17.89 -0.69 5.53
CA ALA B 139 -17.06 -0.53 4.34
C ALA B 139 -17.89 -0.35 3.08
N ASN B 140 -19.10 -0.89 3.04
CA ASN B 140 -19.96 -0.82 1.86
C ASN B 140 -21.22 -0.04 2.22
N PRO B 141 -21.20 1.29 2.09
CA PRO B 141 -22.30 2.11 2.57
C PRO B 141 -23.46 2.27 1.60
N GLY B 142 -23.37 1.73 0.39
CA GLY B 142 -24.49 1.85 -0.52
C GLY B 142 -24.54 3.18 -1.25
N GLU B 143 -25.77 3.63 -1.52
CA GLU B 143 -25.98 4.79 -2.39
C GLU B 143 -25.54 6.10 -1.75
N LYS B 144 -25.57 6.19 -0.42
CA LYS B 144 -25.23 7.45 0.23
C LYS B 144 -23.73 7.72 0.27
N GLY B 145 -22.90 6.71 0.04
CA GLY B 145 -21.46 6.83 0.04
C GLY B 145 -20.90 7.21 1.39
N GLY B 146 -19.73 7.86 1.36
CA GLY B 146 -19.09 8.31 2.57
C GLY B 146 -18.38 9.62 2.31
N THR B 147 -17.94 10.25 3.39
CA THR B 147 -17.34 11.57 3.34
C THR B 147 -15.91 11.54 3.84
N PHE B 148 -15.00 12.17 3.08
CA PHE B 148 -13.65 12.41 3.55
C PHE B 148 -13.66 13.39 4.73
N THR B 149 -12.61 13.35 5.53
CA THR B 149 -12.49 14.20 6.69
C THR B 149 -11.13 14.89 6.69
N GLY B 150 -11.10 16.11 7.23
CA GLY B 150 -9.89 16.90 7.18
C GLY B 150 -8.83 16.53 8.20
N THR B 151 -9.16 15.71 9.19
CA THR B 151 -8.18 15.33 10.20
C THR B 151 -8.48 13.92 10.68
N PHE B 152 -7.43 13.24 11.11
CA PHE B 152 -7.54 11.88 11.63
C PHE B 152 -7.89 11.90 13.10
N THR B 153 -8.75 10.97 13.51
CA THR B 153 -9.10 10.79 14.90
C THR B 153 -9.44 9.32 15.17
N PRO B 154 -8.59 8.59 15.87
CA PRO B 154 -8.89 7.19 16.17
C PRO B 154 -9.90 7.06 17.29
N ASP B 155 -10.65 5.95 17.27
CA ASP B 155 -11.54 5.66 18.37
C ASP B 155 -10.74 5.17 19.58
N ASP B 156 -10.95 5.82 20.72
CA ASP B 156 -10.23 5.44 21.93
C ASP B 156 -10.86 4.24 22.62
N ASN B 157 -12.17 4.06 22.46
CA ASN B 157 -12.91 3.02 23.17
C ASN B 157 -12.72 1.69 22.47
N GLN B 158 -11.68 0.96 22.89
CA GLN B 158 -11.44 -0.39 22.40
C GLN B 158 -12.47 -1.39 22.91
N THR B 159 -13.22 -1.06 23.97
CA THR B 159 -14.23 -1.97 24.50
C THR B 159 -15.42 -2.12 23.58
N SER B 160 -15.63 -1.17 22.67
CA SER B 160 -16.66 -1.29 21.64
C SER B 160 -16.20 -0.50 20.42
N PRO B 161 -15.45 -1.15 19.53
CA PRO B 161 -14.85 -0.42 18.40
C PRO B 161 -15.87 0.00 17.37
N ALA B 162 -15.58 1.13 16.71
CA ALA B 162 -16.44 1.63 15.67
C ALA B 162 -16.29 0.86 14.36
N ARG B 163 -15.07 0.41 14.05
CA ARG B 163 -14.73 -0.37 12.85
C ARG B 163 -15.16 0.33 11.56
N ARG B 164 -14.84 1.61 11.45
CA ARG B 164 -15.21 2.39 10.27
C ARG B 164 -13.99 3.05 9.66
N PHE B 165 -14.16 3.50 8.42
CA PHE B 165 -13.09 4.23 7.74
C PHE B 165 -12.87 5.59 8.35
N CYS B 166 -11.64 6.08 8.27
CA CYS B 166 -11.30 7.46 8.62
C CYS B 166 -10.45 8.07 7.51
N PRO B 167 -11.05 8.36 6.34
CA PRO B 167 -10.25 8.79 5.18
C PRO B 167 -9.86 10.25 5.26
N VAL B 168 -8.56 10.51 5.37
CA VAL B 168 -8.04 11.87 5.31
C VAL B 168 -8.01 12.34 3.86
N ASP B 169 -8.53 13.55 3.62
CA ASP B 169 -8.80 14.02 2.27
C ASP B 169 -7.54 14.22 1.44
N TYR B 170 -6.56 14.95 1.98
CA TYR B 170 -5.35 15.23 1.21
C TYR B 170 -4.47 14.01 1.04
N LEU B 171 -4.63 13.00 1.91
CA LEU B 171 -3.94 11.73 1.74
C LEU B 171 -4.74 10.76 0.90
N PHE B 172 -5.86 11.22 0.30
CA PHE B 172 -6.69 10.47 -0.66
C PHE B 172 -7.28 9.21 -0.04
N GLY B 173 -7.38 9.18 1.29
CA GLY B 173 -7.87 8.04 2.03
C GLY B 173 -6.99 6.81 2.06
N ASN B 174 -5.88 6.82 1.34
CA ASN B 174 -5.01 5.65 1.23
C ASN B 174 -3.55 5.97 1.45
N GLY B 175 -3.22 7.18 1.88
CA GLY B 175 -1.84 7.53 2.15
C GLY B 175 -1.04 7.99 0.95
N THR B 176 -1.69 8.31 -0.16
CA THR B 176 -1.02 8.86 -1.33
C THR B 176 -1.45 10.31 -1.52
N LEU B 177 -0.51 11.17 -1.92
CA LEU B 177 -0.76 12.60 -1.97
C LEU B 177 -1.75 12.96 -3.07
N LEU B 178 -2.61 13.94 -2.79
CA LEU B 178 -3.76 14.25 -3.64
C LEU B 178 -3.34 14.71 -5.02
N GLY B 179 -2.23 15.44 -5.12
CA GLY B 179 -1.77 15.96 -6.39
C GLY B 179 -1.34 14.89 -7.38
N ASN B 180 -1.05 13.68 -6.91
CA ASN B 180 -0.68 12.58 -7.78
C ASN B 180 -1.87 11.73 -8.19
N ALA B 181 -3.07 12.03 -7.69
CA ALA B 181 -4.28 11.27 -8.03
C ALA B 181 -4.71 11.45 -9.48
N PHE B 182 -4.16 12.43 -10.18
CA PHE B 182 -4.51 12.65 -11.58
C PHE B 182 -3.96 11.58 -12.52
N VAL B 183 -3.10 10.68 -12.03
CA VAL B 183 -2.68 9.54 -12.84
C VAL B 183 -3.83 8.56 -13.03
N PHE B 184 -4.83 8.61 -12.16
CA PHE B 184 -6.07 7.88 -12.37
C PHE B 184 -6.86 8.53 -13.51
N PRO B 185 -7.76 7.77 -14.14
CA PRO B 185 -8.70 8.39 -15.09
C PRO B 185 -9.57 9.43 -14.40
N HIS B 186 -9.64 10.61 -15.00
CA HIS B 186 -10.21 11.74 -14.28
C HIS B 186 -10.76 12.77 -15.25
N GLN B 187 -11.67 13.58 -14.74
CA GLN B 187 -12.08 14.81 -15.38
C GLN B 187 -12.37 15.84 -14.30
N ILE B 188 -12.16 17.10 -14.63
CA ILE B 188 -12.37 18.20 -13.70
C ILE B 188 -13.64 18.92 -14.08
N ILE B 189 -14.55 19.07 -13.11
CA ILE B 189 -15.73 19.91 -13.29
C ILE B 189 -15.37 21.30 -12.79
N ASN B 190 -14.98 22.17 -13.71
CA ASN B 190 -14.74 23.58 -13.42
C ASN B 190 -16.00 24.34 -13.78
N LEU B 191 -16.55 25.07 -12.81
CA LEU B 191 -17.87 25.67 -12.94
C LEU B 191 -17.93 26.75 -14.01
N ARG B 192 -16.79 27.35 -14.37
CA ARG B 192 -16.78 28.30 -15.48
C ARG B 192 -16.73 27.60 -16.83
N THR B 193 -16.26 26.36 -16.86
CA THR B 193 -15.94 25.65 -18.09
C THR B 193 -17.00 24.63 -18.48
N ASN B 194 -17.33 23.71 -17.58
CA ASN B 194 -18.23 22.62 -17.89
C ASN B 194 -19.08 22.30 -16.67
N ASN B 195 -20.33 21.94 -16.92
CA ASN B 195 -21.26 21.62 -15.86
C ASN B 195 -21.36 20.13 -15.60
N CYS B 196 -20.63 19.30 -16.35
CA CYS B 196 -20.73 17.86 -16.18
C CYS B 196 -19.44 17.19 -16.65
N ALA B 197 -19.25 15.95 -16.19
CA ALA B 197 -18.12 15.12 -16.55
C ALA B 197 -18.62 13.71 -16.80
N THR B 198 -17.97 13.01 -17.73
CA THR B 198 -18.40 11.67 -18.13
C THR B 198 -17.18 10.77 -18.23
N LEU B 199 -17.13 9.74 -17.39
CA LEU B 199 -16.10 8.72 -17.43
C LEU B 199 -16.73 7.39 -17.82
N VAL B 200 -16.20 6.76 -18.86
CA VAL B 200 -16.59 5.41 -19.24
C VAL B 200 -15.49 4.47 -18.75
N LEU B 201 -15.84 3.57 -17.84
CA LEU B 201 -14.85 2.75 -17.16
C LEU B 201 -14.93 1.31 -17.62
N PRO B 202 -13.88 0.75 -18.21
CA PRO B 202 -13.91 -0.66 -18.55
C PRO B 202 -13.77 -1.51 -17.31
N TYR B 203 -14.18 -2.77 -17.43
CA TYR B 203 -14.04 -3.72 -16.33
C TYR B 203 -12.58 -4.11 -16.20
N VAL B 204 -11.93 -3.68 -15.13
CA VAL B 204 -10.53 -4.00 -14.91
C VAL B 204 -10.44 -4.83 -13.63
N ASN B 205 -9.76 -5.97 -13.73
CA ASN B 205 -9.56 -6.89 -12.63
C ASN B 205 -8.44 -7.85 -12.98
N SER B 206 -7.94 -8.54 -11.96
CA SER B 206 -6.97 -9.60 -12.19
C SER B 206 -7.62 -10.88 -12.69
N LEU B 207 -8.94 -10.97 -12.60
CA LEU B 207 -9.70 -12.12 -13.04
C LEU B 207 -10.64 -11.70 -14.16
N SER B 208 -11.00 -12.68 -15.01
CA SER B 208 -11.93 -12.40 -16.10
C SER B 208 -13.33 -12.09 -15.58
N ILE B 209 -13.70 -12.66 -14.43
CA ILE B 209 -14.99 -12.40 -13.81
C ILE B 209 -14.79 -12.59 -12.30
N ASP B 210 -15.67 -11.97 -11.51
CA ASP B 210 -15.41 -11.92 -10.08
C ASP B 210 -16.73 -11.76 -9.32
N SER B 211 -16.66 -12.04 -8.01
CA SER B 211 -17.82 -12.00 -7.13
C SER B 211 -18.06 -10.56 -6.72
N MET B 212 -19.11 -9.96 -7.29
CA MET B 212 -19.40 -8.55 -7.10
C MET B 212 -19.79 -8.21 -5.67
N VAL B 213 -20.39 -9.16 -4.94
CA VAL B 213 -20.79 -8.89 -3.57
C VAL B 213 -19.57 -8.80 -2.66
N LYS B 214 -18.56 -9.62 -2.91
CA LYS B 214 -17.35 -9.59 -2.09
C LYS B 214 -16.42 -8.44 -2.45
N HIS B 215 -16.34 -8.07 -3.72
CA HIS B 215 -15.24 -7.27 -4.24
C HIS B 215 -15.75 -6.06 -4.99
N ASN B 216 -15.22 -4.89 -4.65
CA ASN B 216 -15.51 -3.65 -5.37
C ASN B 216 -14.37 -3.35 -6.33
N ASN B 217 -14.69 -3.14 -7.59
CA ASN B 217 -13.67 -3.01 -8.63
C ASN B 217 -13.21 -1.57 -8.79
N TRP B 218 -14.14 -0.62 -8.86
CA TRP B 218 -13.83 0.79 -9.06
C TRP B 218 -14.31 1.59 -7.86
N GLY B 219 -13.60 2.67 -7.58
CA GLY B 219 -14.05 3.68 -6.64
C GLY B 219 -14.12 5.03 -7.33
N ILE B 220 -15.12 5.81 -6.98
CA ILE B 220 -15.30 7.14 -7.52
C ILE B 220 -15.13 8.14 -6.38
N ALA B 221 -14.14 9.02 -6.52
CA ALA B 221 -13.87 10.05 -5.52
C ALA B 221 -14.14 11.41 -6.13
N ILE B 222 -14.95 12.22 -5.44
CA ILE B 222 -15.24 13.58 -5.85
C ILE B 222 -14.69 14.49 -4.77
N LEU B 223 -13.65 15.23 -5.08
CA LEU B 223 -12.95 16.05 -4.11
C LEU B 223 -12.89 17.50 -4.58
N PRO B 224 -13.28 18.46 -3.76
CA PRO B 224 -13.18 19.86 -4.17
C PRO B 224 -11.75 20.36 -4.22
N LEU B 225 -11.23 20.56 -5.43
CA LEU B 225 -9.88 21.10 -5.58
C LEU B 225 -9.84 22.58 -5.22
N ALA B 226 -10.81 23.34 -5.72
CA ALA B 226 -10.98 24.75 -5.37
C ALA B 226 -12.32 24.90 -4.68
N PRO B 227 -12.39 25.60 -3.54
CA PRO B 227 -13.63 25.64 -2.78
C PRO B 227 -14.71 26.47 -3.48
N LEU B 228 -15.95 26.04 -3.30
CA LEU B 228 -17.07 26.81 -3.82
C LEU B 228 -17.27 28.05 -2.97
N ASN B 229 -17.25 29.21 -3.61
CA ASN B 229 -17.66 30.44 -2.93
C ASN B 229 -18.42 31.31 -3.90
N PHE B 230 -19.29 32.14 -3.34
CA PHE B 230 -20.24 32.95 -4.08
C PHE B 230 -20.57 34.14 -3.20
N ALA B 231 -20.84 35.29 -3.82
CA ALA B 231 -20.99 36.54 -3.09
C ALA B 231 -22.15 36.51 -2.13
N SER B 232 -21.84 36.49 -0.84
CA SER B 232 -22.83 36.35 0.21
C SER B 232 -22.58 37.37 1.31
N SER B 235 -23.11 30.46 3.92
CA SER B 235 -22.45 29.64 2.90
C SER B 235 -23.42 29.21 1.79
N PRO B 236 -22.96 29.30 0.54
CA PRO B 236 -23.76 28.77 -0.57
C PRO B 236 -23.83 27.25 -0.52
N GLU B 237 -24.86 26.71 -1.17
CA GLU B 237 -25.03 25.28 -1.31
C GLU B 237 -25.46 24.98 -2.74
N ILE B 238 -24.74 24.08 -3.41
CA ILE B 238 -25.18 23.60 -4.73
C ILE B 238 -25.18 22.07 -4.73
N PRO B 239 -26.14 21.42 -5.38
CA PRO B 239 -26.18 19.95 -5.35
C PRO B 239 -25.31 19.32 -6.42
N ILE B 240 -24.78 18.13 -6.11
CA ILE B 240 -24.05 17.30 -7.04
C ILE B 240 -24.79 15.98 -7.18
N THR B 241 -25.13 15.60 -8.41
CA THR B 241 -25.87 14.36 -8.66
C THR B 241 -24.97 13.43 -9.45
N LEU B 242 -24.91 12.18 -9.00
CA LEU B 242 -24.05 11.16 -9.60
C LEU B 242 -24.93 10.10 -10.23
N THR B 243 -24.70 9.80 -11.50
CA THR B 243 -25.52 8.87 -12.25
C THR B 243 -24.63 7.84 -12.93
N ILE B 244 -24.89 6.56 -12.67
CA ILE B 244 -24.08 5.45 -13.16
C ILE B 244 -24.94 4.50 -13.97
N ALA B 245 -24.44 4.08 -15.13
CA ALA B 245 -25.09 3.06 -15.94
C ALA B 245 -24.10 1.92 -16.20
N PRO B 246 -24.46 0.69 -15.87
CA PRO B 246 -23.63 -0.44 -16.29
C PRO B 246 -23.61 -0.61 -17.79
N MET B 247 -22.49 -1.13 -18.29
CA MET B 247 -22.33 -1.40 -19.71
C MET B 247 -21.69 -2.77 -19.87
N CYS B 248 -22.22 -3.53 -20.84
CA CYS B 248 -21.79 -4.90 -21.16
C CYS B 248 -21.80 -5.81 -19.93
N CYS B 249 -22.87 -5.69 -19.15
CA CYS B 249 -23.04 -6.50 -17.96
C CYS B 249 -23.22 -7.97 -18.33
N GLU B 250 -22.66 -8.84 -17.50
CA GLU B 250 -22.64 -10.28 -17.79
C GLU B 250 -22.52 -11.03 -16.48
N PHE B 251 -23.50 -11.88 -16.19
CA PHE B 251 -23.60 -12.58 -14.92
C PHE B 251 -23.55 -14.08 -15.16
N ASN B 252 -22.99 -14.80 -14.19
CA ASN B 252 -22.86 -16.25 -14.28
C ASN B 252 -23.05 -16.87 -12.91
N GLY B 253 -23.39 -18.15 -12.90
CA GLY B 253 -23.54 -18.88 -11.66
C GLY B 253 -24.76 -18.50 -10.83
N LEU B 254 -25.94 -18.85 -11.32
CA LEU B 254 -27.17 -18.56 -10.59
C LEU B 254 -27.29 -19.44 -9.35
N ARG B 255 -27.62 -18.82 -8.23
CA ARG B 255 -27.76 -19.51 -6.95
C ARG B 255 -28.89 -18.86 -6.17
N ASN B 256 -29.10 -19.33 -4.94
CA ASN B 256 -30.08 -18.72 -4.06
C ASN B 256 -29.63 -17.33 -3.64
N ILE B 257 -30.60 -16.49 -3.26
CA ILE B 257 -30.35 -15.08 -3.03
C ILE B 257 -29.56 -14.89 -1.73
N THR B 258 -28.49 -14.11 -1.82
CA THR B 258 -27.73 -13.74 -0.63
C THR B 258 -28.42 -12.59 0.08
N LEU B 259 -28.40 -12.64 1.42
CA LEU B 259 -29.01 -11.63 2.27
C LEU B 259 -27.94 -11.08 3.19
N PRO B 260 -27.19 -10.07 2.74
CA PRO B 260 -26.09 -9.54 3.56
C PRO B 260 -26.59 -8.80 4.79
N ARG B 261 -25.91 -9.02 5.90
CA ARG B 261 -26.27 -8.37 7.16
C ARG B 261 -25.85 -6.91 7.10
N LEU B 262 -26.84 -6.01 7.07
CA LEU B 262 -26.57 -4.59 6.95
C LEU B 262 -27.38 -3.75 7.92
N GLN B 263 -27.98 -4.36 8.95
CA GLN B 263 -28.83 -3.64 9.90
C GLN B 263 -28.00 -2.72 10.80
N GLY C 1 38.16 -34.22 -18.94
CA GLY C 1 37.44 -32.99 -18.66
C GLY C 1 37.99 -31.79 -19.40
N LEU C 2 37.10 -30.87 -19.77
CA LEU C 2 37.50 -29.64 -20.41
C LEU C 2 38.28 -28.78 -19.43
N PRO C 3 39.48 -28.32 -19.77
CA PRO C 3 40.24 -27.47 -18.85
C PRO C 3 39.64 -26.07 -18.82
N VAL C 4 39.44 -25.55 -17.60
CA VAL C 4 38.76 -24.28 -17.39
C VAL C 4 39.56 -23.45 -16.40
N MET C 5 39.35 -22.13 -16.47
CA MET C 5 40.01 -21.18 -15.59
C MET C 5 38.97 -20.23 -15.03
N ASN C 6 39.05 -19.94 -13.73
CA ASN C 6 38.06 -19.12 -13.05
C ASN C 6 38.52 -17.67 -13.00
N THR C 7 37.67 -16.77 -13.48
CA THR C 7 37.95 -15.35 -13.52
C THR C 7 37.62 -14.73 -12.17
N PRO C 8 38.14 -13.52 -11.89
CA PRO C 8 37.61 -12.74 -10.77
C PRO C 8 36.14 -12.42 -10.98
N GLY C 9 35.42 -12.29 -9.87
CA GLY C 9 33.98 -12.21 -9.92
C GLY C 9 33.29 -13.55 -9.93
N SER C 10 34.03 -14.64 -9.82
CA SER C 10 33.42 -15.93 -9.55
C SER C 10 32.90 -15.96 -8.12
N ASN C 11 31.79 -16.67 -7.92
CA ASN C 11 31.09 -16.89 -6.65
C ASN C 11 30.56 -15.61 -6.00
N GLN C 12 30.58 -14.48 -6.70
CA GLN C 12 29.98 -13.27 -6.20
C GLN C 12 28.47 -13.29 -6.44
N TYR C 13 27.77 -12.48 -5.67
CA TYR C 13 26.36 -12.20 -5.92
C TYR C 13 26.23 -10.74 -6.30
N LEU C 14 25.85 -10.49 -7.53
CA LEU C 14 25.56 -9.15 -8.02
C LEU C 14 24.06 -8.99 -8.01
N THR C 15 23.57 -7.96 -7.33
CA THR C 15 22.12 -7.79 -7.22
C THR C 15 21.46 -7.27 -8.49
N ALA C 16 22.17 -7.16 -9.63
CA ALA C 16 21.59 -6.71 -10.88
C ALA C 16 22.00 -7.59 -12.04
N ASP C 17 22.40 -8.83 -11.78
CA ASP C 17 22.84 -9.73 -12.83
C ASP C 17 21.67 -10.24 -13.66
N ASN C 18 22.00 -10.91 -14.76
CA ASN C 18 21.00 -11.47 -15.67
C ASN C 18 21.26 -12.94 -15.94
N PHE C 19 21.68 -13.68 -14.91
CA PHE C 19 22.03 -15.09 -15.09
C PHE C 19 20.78 -15.96 -15.11
N GLN C 20 20.93 -17.16 -15.65
CA GLN C 20 19.91 -18.18 -15.55
C GLN C 20 20.01 -18.92 -14.22
N SER C 21 18.91 -19.56 -13.83
CA SER C 21 18.89 -20.32 -12.60
C SER C 21 17.93 -21.49 -12.76
N PRO C 22 18.17 -22.62 -12.08
CA PRO C 22 17.23 -23.74 -12.16
C PRO C 22 15.89 -23.42 -11.51
N CYS C 23 14.85 -24.12 -11.96
CA CYS C 23 13.48 -23.85 -11.57
C CYS C 23 13.07 -24.77 -10.42
N ALA C 24 12.45 -24.18 -9.39
CA ALA C 24 12.01 -24.95 -8.24
C ALA C 24 10.79 -25.81 -8.58
N LEU C 25 9.96 -25.34 -9.51
CA LEU C 25 8.70 -26.00 -9.87
C LEU C 25 8.76 -26.35 -11.35
N PRO C 26 9.41 -27.46 -11.70
CA PRO C 26 9.50 -27.85 -13.11
C PRO C 26 8.16 -28.29 -13.66
N GLU C 27 8.00 -28.09 -14.98
CA GLU C 27 6.81 -28.42 -15.76
C GLU C 27 5.55 -27.71 -15.26
N PHE C 28 5.71 -26.52 -14.68
CA PHE C 28 4.57 -25.77 -14.16
C PHE C 28 3.74 -25.21 -15.31
N ASP C 29 2.42 -25.40 -15.24
CA ASP C 29 1.49 -24.86 -16.22
C ASP C 29 1.04 -23.48 -15.75
N VAL C 30 1.57 -22.44 -16.39
CA VAL C 30 1.30 -21.08 -15.96
C VAL C 30 -0.08 -20.63 -16.44
N THR C 31 -0.76 -19.83 -15.62
CA THR C 31 -2.02 -19.23 -16.00
C THR C 31 -1.80 -18.27 -17.16
N PRO C 32 -2.60 -18.36 -18.24
CA PRO C 32 -2.40 -17.46 -19.36
C PRO C 32 -2.81 -16.05 -19.02
N PRO C 33 -2.15 -15.04 -19.58
CA PRO C 33 -2.55 -13.65 -19.34
C PRO C 33 -3.81 -13.30 -20.12
N ILE C 34 -4.45 -12.22 -19.69
CA ILE C 34 -5.66 -11.72 -20.33
C ILE C 34 -5.48 -10.24 -20.63
N ASP C 35 -6.37 -9.72 -21.49
CA ASP C 35 -6.25 -8.36 -22.03
C ASP C 35 -6.75 -7.32 -21.02
N ILE C 36 -6.03 -7.22 -19.90
CA ILE C 36 -6.33 -6.21 -18.88
C ILE C 36 -5.98 -4.83 -19.42
N PRO C 37 -6.89 -3.85 -19.37
CA PRO C 37 -6.56 -2.51 -19.86
C PRO C 37 -5.55 -1.79 -18.98
N GLY C 38 -4.69 -1.00 -19.62
CA GLY C 38 -3.80 -0.10 -18.91
C GLY C 38 -2.34 -0.47 -18.84
N GLU C 39 -1.89 -1.46 -19.62
CA GLU C 39 -0.53 -1.97 -19.47
C GLU C 39 0.51 -0.95 -19.91
N VAL C 40 1.41 -0.62 -19.00
CA VAL C 40 2.52 0.27 -19.29
C VAL C 40 3.71 -0.56 -19.74
N LYS C 41 4.52 0.04 -20.60
CA LYS C 41 5.79 -0.55 -21.02
C LYS C 41 6.99 0.23 -20.56
N ASN C 42 6.83 1.54 -20.32
CA ASN C 42 7.90 2.40 -19.90
C ASN C 42 7.38 3.30 -18.78
N MET C 43 8.26 3.60 -17.83
CA MET C 43 7.87 4.50 -16.74
C MET C 43 7.68 5.94 -17.21
N MET C 44 8.24 6.31 -18.36
CA MET C 44 8.07 7.67 -18.86
C MET C 44 6.67 7.92 -19.41
N GLU C 45 5.88 6.87 -19.64
CA GLU C 45 4.46 7.05 -19.89
C GLU C 45 3.75 7.65 -18.68
N LEU C 46 4.22 7.34 -17.47
CA LEU C 46 3.65 7.93 -16.28
C LEU C 46 4.06 9.40 -16.13
N ALA C 47 5.30 9.72 -16.51
CA ALA C 47 5.81 11.08 -16.34
C ALA C 47 5.11 12.08 -17.25
N GLU C 48 4.55 11.62 -18.37
CA GLU C 48 3.87 12.50 -19.30
C GLU C 48 2.45 12.82 -18.88
N ILE C 49 1.98 12.32 -17.76
CA ILE C 49 0.65 12.61 -17.22
C ILE C 49 0.77 13.80 -16.28
N ASP C 50 -0.18 14.74 -16.38
CA ASP C 50 -0.18 15.92 -15.53
C ASP C 50 -0.49 15.57 -14.09
N THR C 51 0.26 16.16 -13.16
CA THR C 51 0.02 16.03 -11.73
C THR C 51 0.24 17.37 -11.07
N MET C 52 -0.42 17.59 -9.94
CA MET C 52 -0.63 18.93 -9.39
C MET C 52 0.46 19.30 -8.40
N ILE C 53 0.96 20.52 -8.51
CA ILE C 53 2.05 21.01 -7.67
C ILE C 53 1.48 21.47 -6.34
N PRO C 54 2.06 21.09 -5.21
CA PRO C 54 1.78 21.78 -3.94
C PRO C 54 2.58 23.07 -3.84
N PHE C 55 1.89 24.19 -3.95
CA PHE C 55 2.56 25.48 -4.05
C PHE C 55 2.84 26.15 -2.71
N ASP C 56 1.89 26.09 -1.77
CA ASP C 56 1.85 27.03 -0.67
C ASP C 56 2.94 26.76 0.37
N LEU C 57 2.84 25.63 1.08
CA LEU C 57 3.86 25.12 2.01
C LEU C 57 4.17 26.06 3.17
N SER C 58 3.29 27.02 3.45
CA SER C 58 3.44 27.84 4.65
C SER C 58 3.12 27.01 5.89
N ALA C 59 3.71 27.42 7.02
CA ALA C 59 3.61 26.65 8.25
C ALA C 59 2.18 26.58 8.78
N LYS C 60 1.37 27.61 8.52
CA LYS C 60 -0.01 27.60 8.94
C LYS C 60 -0.86 26.66 8.09
N LYS C 61 -0.47 26.45 6.83
CA LYS C 61 -1.32 25.77 5.87
C LYS C 61 -0.76 24.46 5.32
N LYS C 62 0.49 24.11 5.66
CA LYS C 62 1.07 22.88 5.13
C LYS C 62 0.37 21.66 5.69
N ASN C 63 0.36 20.60 4.88
CA ASN C 63 -0.29 19.31 5.16
C ASN C 63 -1.79 19.49 5.44
N THR C 64 -2.42 20.32 4.61
CA THR C 64 -3.86 20.47 4.52
C THR C 64 -4.20 20.55 3.05
N MET C 65 -5.50 20.60 2.74
CA MET C 65 -5.95 20.74 1.36
C MET C 65 -5.56 22.07 0.73
N GLU C 66 -5.30 23.09 1.56
CA GLU C 66 -5.03 24.44 1.07
C GLU C 66 -3.71 24.58 0.33
N MET C 67 -2.79 23.61 0.47
CA MET C 67 -1.45 23.75 -0.07
C MET C 67 -1.39 23.72 -1.60
N TYR C 68 -2.45 23.30 -2.26
CA TYR C 68 -2.48 23.23 -3.72
C TYR C 68 -2.99 24.50 -4.38
N ARG C 69 -3.51 25.46 -3.62
CA ARG C 69 -4.23 26.60 -4.17
C ARG C 69 -3.40 27.87 -4.03
N VAL C 70 -3.21 28.57 -5.15
CA VAL C 70 -2.57 29.88 -5.18
C VAL C 70 -3.67 30.93 -5.26
N ARG C 71 -3.79 31.77 -4.24
CA ARG C 71 -4.89 32.70 -4.13
C ARG C 71 -4.55 34.01 -4.83
N LEU C 72 -5.26 34.30 -5.92
CA LEU C 72 -5.18 35.59 -6.58
C LEU C 72 -6.20 36.55 -5.97
N SER C 73 -6.05 37.83 -6.29
CA SER C 73 -6.99 38.83 -5.81
C SER C 73 -7.01 40.01 -6.77
N ASP C 74 -8.07 40.81 -6.64
CA ASP C 74 -8.30 41.99 -7.47
C ASP C 74 -7.60 43.25 -6.96
N LYS C 75 -6.53 43.09 -6.17
CA LYS C 75 -5.79 44.22 -5.61
C LYS C 75 -5.13 45.04 -6.72
N PRO C 76 -4.84 46.32 -6.45
CA PRO C 76 -4.16 47.16 -7.46
C PRO C 76 -2.80 46.63 -7.86
N HIS C 77 -2.43 46.90 -9.12
CA HIS C 77 -1.36 46.19 -9.80
C HIS C 77 0.01 46.43 -9.17
N THR C 78 0.76 45.34 -8.97
CA THR C 78 2.08 45.38 -8.37
C THR C 78 2.95 44.36 -9.09
N ASP C 79 4.23 44.67 -9.26
CA ASP C 79 5.13 43.82 -10.01
C ASP C 79 5.73 42.70 -9.17
N ASP C 80 5.22 42.49 -7.96
CA ASP C 80 5.66 41.39 -7.12
C ASP C 80 5.19 40.05 -7.70
N PRO C 81 5.98 38.98 -7.54
CA PRO C 81 5.61 37.70 -8.13
C PRO C 81 4.46 37.02 -7.41
N ILE C 82 3.65 36.30 -8.19
CA ILE C 82 2.57 35.50 -7.63
C ILE C 82 3.13 34.25 -6.96
N LEU C 83 4.00 33.53 -7.65
CA LEU C 83 4.60 32.31 -7.13
C LEU C 83 6.01 32.17 -7.69
N CYS C 84 6.85 31.44 -6.95
CA CYS C 84 8.24 31.19 -7.34
C CYS C 84 8.54 29.71 -7.21
N LEU C 85 9.10 29.11 -8.26
CA LEU C 85 9.50 27.72 -8.26
C LEU C 85 11.01 27.64 -8.48
N SER C 86 11.63 26.64 -7.87
CA SER C 86 13.08 26.49 -7.91
C SER C 86 13.60 25.68 -9.08
N LEU C 87 12.70 24.98 -9.79
CA LEU C 87 12.97 24.10 -10.93
C LEU C 87 14.16 23.16 -10.68
N SER C 88 14.00 22.34 -9.66
CA SER C 88 14.89 21.21 -9.41
C SER C 88 13.97 20.06 -9.01
N PRO C 89 13.47 19.30 -10.00
CA PRO C 89 12.23 18.52 -9.82
C PRO C 89 12.27 17.45 -8.75
N ALA C 90 13.45 16.93 -8.41
CA ALA C 90 13.53 15.95 -7.33
C ALA C 90 13.88 16.56 -5.98
N SER C 91 14.37 17.80 -5.95
CA SER C 91 14.88 18.38 -4.72
C SER C 91 14.16 19.66 -4.29
N ASP C 92 13.41 20.30 -5.19
CA ASP C 92 12.46 21.33 -4.80
C ASP C 92 11.41 20.69 -3.91
N PRO C 93 11.21 21.17 -2.68
CA PRO C 93 10.20 20.55 -1.79
C PRO C 93 8.78 20.64 -2.31
N ARG C 94 8.49 21.56 -3.23
CA ARG C 94 7.21 21.58 -3.90
C ARG C 94 7.17 20.48 -4.95
N LEU C 95 8.13 20.50 -5.88
CA LEU C 95 8.04 19.66 -7.06
C LEU C 95 8.37 18.19 -6.76
N SER C 96 9.04 17.92 -5.64
CA SER C 96 9.49 16.56 -5.35
C SER C 96 8.35 15.58 -5.14
N HIS C 97 7.26 16.02 -4.53
CA HIS C 97 6.17 15.12 -4.21
C HIS C 97 5.13 15.02 -5.32
N THR C 98 5.39 15.63 -6.47
CA THR C 98 4.64 15.31 -7.67
C THR C 98 5.03 13.92 -8.18
N MET C 99 4.24 13.40 -9.12
CA MET C 99 4.54 12.10 -9.70
C MET C 99 5.83 12.12 -10.50
N LEU C 100 6.05 13.20 -11.25
CA LEU C 100 7.33 13.41 -11.93
C LEU C 100 8.46 13.52 -10.93
N GLY C 101 8.21 14.20 -9.80
CA GLY C 101 9.20 14.28 -8.75
C GLY C 101 9.51 12.94 -8.10
N GLU C 102 8.52 12.05 -7.99
CA GLU C 102 8.76 10.74 -7.41
C GLU C 102 9.55 9.84 -8.34
N ILE C 103 9.16 9.82 -9.62
CA ILE C 103 9.90 9.03 -10.62
C ILE C 103 11.33 9.55 -10.78
N LEU C 104 11.50 10.87 -10.81
CA LEU C 104 12.82 11.46 -10.86
C LEU C 104 13.55 11.40 -9.52
N ASN C 105 12.88 11.05 -8.44
CA ASN C 105 13.57 10.71 -7.22
C ASN C 105 14.06 9.27 -7.23
N TYR C 106 13.42 8.41 -8.01
CA TYR C 106 13.96 7.06 -8.22
C TYR C 106 15.08 7.03 -9.24
N TYR C 107 15.40 8.15 -9.89
CA TYR C 107 16.47 8.21 -10.88
C TYR C 107 17.46 9.31 -10.52
N THR C 108 18.68 9.18 -11.04
CA THR C 108 19.74 10.13 -10.72
C THR C 108 19.88 11.24 -11.75
N HIS C 109 19.69 10.93 -13.02
CA HIS C 109 19.90 11.87 -14.11
C HIS C 109 18.63 11.98 -14.94
N TRP C 110 18.32 13.19 -15.40
CA TRP C 110 17.12 13.40 -16.21
C TRP C 110 17.41 14.43 -17.30
N ALA C 111 16.60 14.37 -18.36
CA ALA C 111 16.70 15.30 -19.47
C ALA C 111 15.37 15.35 -20.20
N GLY C 112 15.11 16.47 -20.85
CA GLY C 112 13.91 16.66 -21.64
C GLY C 112 13.12 17.88 -21.20
N SER C 113 12.17 18.24 -22.05
CA SER C 113 11.32 19.40 -21.80
C SER C 113 10.24 19.07 -20.79
N LEU C 114 9.83 20.09 -20.04
CA LEU C 114 8.80 19.96 -19.02
C LEU C 114 7.61 20.84 -19.34
N LYS C 115 6.43 20.25 -19.36
CA LYS C 115 5.20 21.01 -19.55
C LYS C 115 4.72 21.55 -18.21
N PHE C 116 4.52 22.86 -18.12
CA PHE C 116 3.90 23.48 -16.96
C PHE C 116 2.56 24.04 -17.40
N THR C 117 1.48 23.60 -16.74
CA THR C 117 0.13 23.95 -17.14
C THR C 117 -0.62 24.50 -15.94
N PHE C 118 -1.26 25.65 -16.13
CA PHE C 118 -2.01 26.31 -15.08
C PHE C 118 -3.48 26.34 -15.44
N LEU C 119 -4.33 26.11 -14.45
CA LEU C 119 -5.78 26.05 -14.64
C LEU C 119 -6.45 27.10 -13.78
N PHE C 120 -7.33 27.89 -14.41
CA PHE C 120 -8.02 28.98 -13.72
C PHE C 120 -9.36 28.49 -13.21
N CYS C 121 -9.59 28.66 -11.91
CA CYS C 121 -10.78 28.14 -11.25
C CYS C 121 -11.73 29.23 -10.78
N GLY C 122 -11.58 30.46 -11.26
CA GLY C 122 -12.46 31.54 -10.90
C GLY C 122 -13.75 31.55 -11.71
N SER C 123 -14.54 32.60 -11.49
CA SER C 123 -15.82 32.74 -12.18
C SER C 123 -15.61 33.01 -13.67
N MET C 124 -16.67 32.78 -14.45
CA MET C 124 -16.62 33.02 -15.88
C MET C 124 -16.59 34.52 -16.20
N MET C 125 -17.12 35.36 -15.32
CA MET C 125 -17.05 36.79 -15.51
C MET C 125 -15.63 37.33 -15.31
N ALA C 126 -14.81 36.61 -14.55
CA ALA C 126 -13.45 37.06 -14.28
C ALA C 126 -12.57 36.96 -15.53
N THR C 127 -11.78 37.98 -15.76
CA THR C 127 -10.85 38.04 -16.89
C THR C 127 -9.55 38.66 -16.41
N GLY C 128 -8.49 38.39 -17.15
CA GLY C 128 -7.17 38.90 -16.80
C GLY C 128 -6.09 38.14 -17.55
N LYS C 129 -4.87 38.61 -17.40
CA LYS C 129 -3.73 38.05 -18.11
C LYS C 129 -2.57 37.82 -17.15
N LEU C 130 -1.89 36.68 -17.31
CA LEU C 130 -0.79 36.29 -16.44
C LEU C 130 0.46 36.02 -17.27
N LEU C 131 1.60 36.47 -16.77
CA LEU C 131 2.89 36.27 -17.42
C LEU C 131 3.61 35.12 -16.75
N VAL C 132 3.69 33.97 -17.42
CA VAL C 132 4.37 32.80 -16.90
C VAL C 132 5.74 32.74 -17.54
N SER C 133 6.79 32.77 -16.73
CA SER C 133 8.14 33.01 -17.22
C SER C 133 9.11 31.97 -16.70
N TYR C 134 10.13 31.68 -17.50
CA TYR C 134 11.21 30.79 -17.13
C TYR C 134 12.55 31.48 -17.36
N ALA C 135 13.40 31.46 -16.35
CA ALA C 135 14.71 32.07 -16.44
C ALA C 135 15.78 30.98 -16.38
N PRO C 136 16.62 30.85 -17.41
CA PRO C 136 17.77 29.97 -17.30
C PRO C 136 18.72 30.47 -16.22
N PRO C 137 19.46 29.57 -15.58
CA PRO C 137 20.25 29.95 -14.41
C PRO C 137 21.46 30.80 -14.78
N GLY C 138 22.15 31.24 -13.74
CA GLY C 138 23.32 32.10 -13.93
C GLY C 138 23.02 33.57 -13.89
N ALA C 139 21.93 33.97 -13.25
CA ALA C 139 21.55 35.36 -13.11
C ALA C 139 20.89 35.53 -11.76
N ASP C 140 20.65 36.78 -11.38
CA ASP C 140 19.85 37.06 -10.20
C ASP C 140 18.42 36.57 -10.43
N PRO C 141 17.79 35.96 -9.44
CA PRO C 141 16.41 35.48 -9.59
C PRO C 141 15.45 36.66 -9.75
N PRO C 142 14.46 36.53 -10.64
CA PRO C 142 13.57 37.66 -10.93
C PRO C 142 12.63 37.93 -9.77
N LYS C 143 12.78 39.09 -9.14
CA LYS C 143 11.87 39.52 -8.09
C LYS C 143 10.92 40.61 -8.53
N LYS C 144 11.15 41.22 -9.70
CA LYS C 144 10.26 42.20 -10.30
C LYS C 144 10.02 41.80 -11.74
N ARG C 145 8.85 42.22 -12.27
CA ARG C 145 8.43 41.81 -13.61
C ARG C 145 9.36 42.31 -14.71
N LYS C 146 9.99 43.46 -14.48
CA LYS C 146 10.92 44.05 -15.45
C LYS C 146 12.12 43.15 -15.71
N GLU C 147 12.59 42.44 -14.69
CA GLU C 147 13.64 41.46 -14.90
C GLU C 147 13.12 40.21 -15.60
N ALA C 148 11.91 39.77 -15.23
CA ALA C 148 11.40 38.49 -15.71
C ALA C 148 10.95 38.56 -17.17
N MET C 149 10.69 39.76 -17.67
CA MET C 149 10.26 39.94 -19.05
C MET C 149 11.29 39.43 -20.06
N LEU C 150 12.58 39.50 -19.71
CA LEU C 150 13.64 39.20 -20.66
C LEU C 150 13.81 37.72 -20.95
N GLY C 151 13.25 36.83 -20.12
CA GLY C 151 13.43 35.42 -20.31
C GLY C 151 12.42 34.82 -21.27
N THR C 152 12.30 33.49 -21.23
CA THR C 152 11.27 32.80 -21.98
C THR C 152 9.94 32.92 -21.25
N HIS C 153 8.92 33.40 -21.95
CA HIS C 153 7.65 33.63 -21.29
C HIS C 153 6.50 33.43 -22.26
N VAL C 154 5.33 33.13 -21.69
CA VAL C 154 4.07 33.11 -22.41
C VAL C 154 3.08 33.99 -21.66
N ILE C 155 2.36 34.84 -22.39
CA ILE C 155 1.30 35.65 -21.80
C ILE C 155 -0.01 34.93 -22.04
N TRP C 156 -0.65 34.54 -20.95
CA TRP C 156 -1.85 33.71 -20.99
C TRP C 156 -3.06 34.62 -20.77
N ASP C 157 -4.00 34.58 -21.72
CA ASP C 157 -5.24 35.32 -21.60
C ASP C 157 -6.30 34.37 -21.08
N ILE C 158 -6.95 34.75 -19.97
CA ILE C 158 -7.94 33.89 -19.35
C ILE C 158 -9.29 34.11 -20.03
N GLY C 159 -9.58 33.31 -21.05
CA GLY C 159 -10.81 33.41 -21.80
C GLY C 159 -11.69 32.20 -21.61
N LEU C 160 -12.28 31.73 -22.71
CA LEU C 160 -13.18 30.59 -22.65
C LEU C 160 -12.41 29.28 -22.54
N GLN C 161 -11.28 29.16 -23.22
CA GLN C 161 -10.38 28.04 -22.95
C GLN C 161 -9.70 28.26 -21.61
N SER C 162 -9.74 27.24 -20.76
CA SER C 162 -9.48 27.44 -19.34
C SER C 162 -7.99 27.40 -18.97
N SER C 163 -7.14 26.79 -19.78
CA SER C 163 -5.79 26.51 -19.32
C SER C 163 -4.78 26.74 -20.43
N CYS C 164 -3.54 27.03 -20.01
CA CYS C 164 -2.45 27.30 -20.92
C CYS C 164 -1.21 26.55 -20.44
N THR C 165 -0.36 26.18 -21.39
CA THR C 165 0.83 25.38 -21.14
C THR C 165 2.08 26.15 -21.54
N MET C 166 3.03 26.27 -20.61
CA MET C 166 4.38 26.71 -20.93
C MET C 166 5.28 25.49 -20.96
N VAL C 167 5.91 25.23 -22.10
CA VAL C 167 6.86 24.14 -22.21
C VAL C 167 8.25 24.73 -22.06
N VAL C 168 8.93 24.36 -20.98
CA VAL C 168 10.28 24.81 -20.69
C VAL C 168 11.23 24.08 -21.63
N PRO C 169 11.96 24.80 -22.49
CA PRO C 169 12.88 24.13 -23.40
C PRO C 169 14.11 23.62 -22.65
N TRP C 170 14.74 22.59 -23.23
CA TRP C 170 15.89 21.96 -22.59
C TRP C 170 17.14 22.77 -22.90
N ILE C 171 17.29 23.86 -22.16
CA ILE C 171 18.52 24.64 -22.14
C ILE C 171 19.38 24.10 -21.00
N SER C 172 20.46 23.40 -21.36
CA SER C 172 21.32 22.81 -20.34
C SER C 172 22.74 22.75 -20.85
N ASN C 173 23.69 22.83 -19.91
CA ASN C 173 25.09 22.68 -20.29
C ASN C 173 25.44 21.21 -20.47
N THR C 174 25.01 20.35 -19.55
CA THR C 174 25.21 18.92 -19.65
C THR C 174 24.07 18.28 -20.44
N THR C 175 24.31 17.06 -20.89
CA THR C 175 23.25 16.31 -21.59
C THR C 175 22.19 15.81 -20.63
N TYR C 176 22.55 15.57 -19.37
CA TYR C 176 21.62 15.17 -18.33
C TYR C 176 21.87 16.02 -17.10
N ARG C 177 20.79 16.48 -16.46
CA ARG C 177 20.91 17.21 -15.22
C ARG C 177 20.78 16.25 -14.05
N GLN C 178 21.42 16.60 -12.94
CA GLN C 178 21.37 15.76 -11.76
C GLN C 178 20.14 16.09 -10.93
N THR C 179 19.66 15.08 -10.20
CA THR C 179 18.45 15.20 -9.38
C THR C 179 18.75 15.61 -7.95
N ILE C 180 19.89 16.23 -7.68
CA ILE C 180 20.23 16.75 -6.37
C ILE C 180 20.69 18.19 -6.53
N ASP C 181 20.64 18.94 -5.43
CA ASP C 181 20.90 20.37 -5.44
C ASP C 181 22.40 20.65 -5.44
N ASP C 182 23.01 20.41 -6.60
CA ASP C 182 24.37 20.84 -6.90
C ASP C 182 24.31 21.93 -7.94
N SER C 183 25.04 23.03 -7.69
CA SER C 183 24.87 24.26 -8.47
C SER C 183 25.35 24.13 -9.91
N PHE C 184 26.15 23.10 -10.21
CA PHE C 184 26.69 22.94 -11.56
C PHE C 184 25.60 22.68 -12.59
N THR C 185 24.51 22.05 -12.20
CA THR C 185 23.43 21.69 -13.12
C THR C 185 22.08 22.17 -12.61
N GLU C 186 22.03 23.36 -12.01
CA GLU C 186 20.76 23.89 -11.53
C GLU C 186 19.87 24.29 -12.70
N GLY C 187 18.56 24.13 -12.53
CA GLY C 187 17.62 24.24 -13.63
C GLY C 187 17.12 25.63 -13.94
N GLY C 188 17.29 26.57 -13.01
CA GLY C 188 16.80 27.92 -13.23
C GLY C 188 15.65 28.29 -12.33
N TYR C 189 14.79 29.19 -12.80
CA TYR C 189 13.68 29.70 -12.01
C TYR C 189 12.45 29.84 -12.87
N ILE C 190 11.28 29.56 -12.30
CA ILE C 190 9.99 29.74 -12.95
C ILE C 190 9.11 30.60 -12.05
N SER C 191 8.49 31.63 -12.63
CA SER C 191 7.65 32.52 -11.83
C SER C 191 6.49 33.04 -12.67
N VAL C 192 5.42 33.43 -11.97
CA VAL C 192 4.20 33.92 -12.60
C VAL C 192 3.95 35.33 -12.08
N PHE C 193 3.65 36.26 -13.01
CA PHE C 193 3.47 37.66 -12.69
C PHE C 193 2.16 38.15 -13.27
N TYR C 194 1.59 39.17 -12.63
CA TYR C 194 0.39 39.82 -13.17
C TYR C 194 0.77 40.71 -14.34
N GLN C 195 0.26 40.38 -15.52
CA GLN C 195 0.27 41.31 -16.65
C GLN C 195 -1.15 41.88 -16.72
N THR C 196 -1.36 42.94 -15.92
CA THR C 196 -2.62 43.59 -15.52
C THR C 196 -3.44 42.69 -14.61
N ARG C 197 -4.19 43.31 -13.68
CA ARG C 197 -4.83 42.55 -12.62
C ARG C 197 -6.03 41.78 -13.12
N ILE C 198 -6.46 40.82 -12.32
CA ILE C 198 -7.70 40.11 -12.59
C ILE C 198 -8.86 41.04 -12.24
N VAL C 199 -9.63 41.42 -13.25
CA VAL C 199 -10.77 42.31 -13.05
C VAL C 199 -12.02 41.46 -12.99
N VAL C 200 -12.93 41.83 -12.09
CA VAL C 200 -14.14 41.05 -11.88
C VAL C 200 -15.27 42.01 -11.51
N PRO C 201 -16.49 41.80 -11.99
CA PRO C 201 -17.58 42.72 -11.68
C PRO C 201 -18.08 42.56 -10.25
N LEU C 202 -19.05 43.40 -9.91
CA LEU C 202 -19.70 43.34 -8.61
C LEU C 202 -20.52 42.05 -8.47
N SER C 203 -20.83 41.72 -7.21
CA SER C 203 -21.54 40.51 -6.79
C SER C 203 -20.81 39.24 -7.19
N THR C 204 -19.49 39.29 -7.28
CA THR C 204 -18.61 38.17 -7.50
C THR C 204 -17.69 37.99 -6.31
N PRO C 205 -17.06 36.82 -6.17
CA PRO C 205 -15.96 36.71 -5.21
C PRO C 205 -14.78 37.57 -5.66
N ARG C 206 -14.13 38.21 -4.69
CA ARG C 206 -13.00 39.07 -4.99
C ARG C 206 -11.68 38.30 -5.00
N GLU C 207 -11.66 37.08 -4.48
CA GLU C 207 -10.47 36.23 -4.48
C GLU C 207 -10.75 34.98 -5.29
N MET C 208 -9.74 34.49 -5.99
CA MET C 208 -9.89 33.31 -6.82
C MET C 208 -8.56 32.56 -6.88
N ASP C 209 -8.65 31.27 -7.20
CA ASP C 209 -7.53 30.36 -7.08
C ASP C 209 -7.16 29.77 -8.43
N ILE C 210 -5.89 29.42 -8.59
CA ILE C 210 -5.40 28.70 -9.75
C ILE C 210 -4.70 27.44 -9.28
N LEU C 211 -4.69 26.44 -10.15
CA LEU C 211 -4.00 25.18 -9.92
C LEU C 211 -2.97 24.97 -11.01
N GLY C 212 -1.83 24.38 -10.65
CA GLY C 212 -0.75 24.18 -11.59
C GLY C 212 -0.37 22.72 -11.70
N PHE C 213 0.09 22.33 -12.89
CA PHE C 213 0.40 20.94 -13.18
C PHE C 213 1.74 20.82 -13.88
N VAL C 214 2.39 19.67 -13.70
CA VAL C 214 3.64 19.34 -14.38
C VAL C 214 3.53 18.00 -15.07
N SER C 215 4.15 17.91 -16.26
CA SER C 215 4.33 16.66 -16.97
C SER C 215 5.45 16.82 -17.98
N ALA C 216 5.98 15.69 -18.43
CA ALA C 216 7.04 15.66 -19.41
C ALA C 216 6.49 15.72 -20.83
N CYS C 217 7.35 16.11 -21.77
CA CYS C 217 7.09 15.93 -23.18
C CYS C 217 7.60 14.55 -23.62
N ASN C 218 7.51 14.28 -24.92
CA ASN C 218 8.01 13.01 -25.44
C ASN C 218 9.53 12.97 -25.58
N ASP C 219 10.23 14.10 -25.44
CA ASP C 219 11.68 14.11 -25.52
C ASP C 219 12.35 13.86 -24.17
N PHE C 220 11.69 13.15 -23.26
CA PHE C 220 12.11 13.05 -21.87
C PHE C 220 12.75 11.69 -21.58
N SER C 221 13.81 11.70 -20.76
CA SER C 221 14.53 10.48 -20.44
C SER C 221 15.11 10.54 -19.03
N VAL C 222 15.35 9.36 -18.47
CA VAL C 222 16.12 9.18 -17.24
C VAL C 222 17.07 8.01 -17.48
N ARG C 223 18.14 7.92 -16.66
CA ARG C 223 19.12 6.88 -16.95
C ARG C 223 19.83 6.16 -15.80
N LEU C 224 19.57 6.48 -14.54
CA LEU C 224 20.30 5.76 -13.48
C LEU C 224 19.49 5.64 -12.21
N MET C 225 19.13 4.40 -11.85
CA MET C 225 18.28 4.13 -10.69
C MET C 225 19.01 4.34 -9.38
N ARG C 226 18.24 4.63 -8.33
CA ARG C 226 18.75 4.79 -6.98
C ARG C 226 17.59 4.62 -6.00
N ASP C 227 17.93 4.50 -4.72
CA ASP C 227 16.91 4.42 -3.68
C ASP C 227 16.31 5.79 -3.40
N THR C 228 14.98 5.83 -3.23
CA THR C 228 14.32 7.08 -2.91
C THR C 228 14.55 7.45 -1.45
N THR C 229 14.52 8.76 -1.18
CA THR C 229 14.76 9.27 0.17
C THR C 229 13.48 9.54 0.95
N HIS C 230 12.31 9.46 0.32
CA HIS C 230 11.08 9.88 0.98
C HIS C 230 10.66 8.91 2.08
N ILE C 231 10.71 7.60 1.80
CA ILE C 231 10.19 6.60 2.73
C ILE C 231 11.28 6.24 3.74
N GLU C 232 10.85 5.85 4.94
CA GLU C 232 11.75 5.36 5.98
C GLU C 232 11.01 4.34 6.83
N GLN C 233 11.77 3.40 7.39
CA GLN C 233 11.22 2.32 8.20
C GLN C 233 11.88 2.34 9.57
N LYS C 234 11.06 2.44 10.62
CA LYS C 234 11.56 2.51 11.98
C LYS C 234 11.85 1.11 12.53
N ALA C 235 12.56 1.10 13.65
CA ALA C 235 12.92 -0.10 14.43
C ALA C 235 13.65 -1.17 13.63
N GLY D 1 21.65 -24.52 -30.95
CA GLY D 1 20.67 -23.51 -31.34
C GLY D 1 20.77 -22.27 -30.48
N ALA D 2 21.68 -21.38 -30.83
CA ALA D 2 21.92 -20.17 -30.06
C ALA D 2 21.12 -18.99 -30.62
N GLN D 3 20.98 -17.97 -29.78
CA GLN D 3 20.37 -16.71 -30.17
C GLN D 3 21.45 -15.64 -30.21
N VAL D 4 21.58 -14.95 -31.34
CA VAL D 4 22.59 -13.92 -31.54
C VAL D 4 21.89 -12.60 -31.75
N SER D 5 22.25 -11.60 -30.92
CA SER D 5 21.66 -10.28 -31.00
C SER D 5 22.77 -9.23 -30.96
N SER D 6 22.49 -8.08 -31.56
CA SER D 6 23.46 -7.00 -31.60
C SER D 6 23.39 -6.13 -30.35
N GLN D 7 24.56 -5.79 -29.82
CA GLN D 7 24.64 -4.84 -28.71
C GLN D 7 24.61 -3.42 -29.24
N LYS D 8 24.02 -2.51 -28.47
CA LYS D 8 24.06 -1.10 -28.82
C LYS D 8 25.35 -0.49 -28.29
N VAL D 9 26.18 0.00 -29.20
CA VAL D 9 27.46 0.60 -28.83
C VAL D 9 27.53 2.04 -29.34
N ILE D 24 28.75 -5.59 -33.59
CA ILE D 24 29.15 -6.26 -32.36
C ILE D 24 27.97 -7.05 -31.81
N ASN D 25 28.17 -8.35 -31.60
CA ASN D 25 27.10 -9.27 -31.26
C ASN D 25 27.38 -9.99 -29.95
N TYR D 26 26.31 -10.46 -29.32
CA TYR D 26 26.42 -11.32 -28.15
C TYR D 26 25.54 -12.54 -28.31
N THR D 27 25.98 -13.65 -27.73
CA THR D 27 25.38 -14.97 -27.94
C THR D 27 24.77 -15.46 -26.64
N THR D 28 23.52 -15.93 -26.71
CA THR D 28 22.83 -16.49 -25.57
C THR D 28 22.30 -17.88 -25.91
N ILE D 29 22.47 -18.83 -25.01
CA ILE D 29 21.90 -20.18 -25.13
C ILE D 29 21.09 -20.45 -23.87
N ASN D 30 19.85 -20.88 -24.05
CA ASN D 30 18.97 -21.21 -22.93
C ASN D 30 19.20 -22.67 -22.57
N TYR D 31 19.79 -22.90 -21.40
CA TYR D 31 20.21 -24.23 -21.01
C TYR D 31 19.11 -25.04 -20.34
N TYR D 32 18.13 -24.39 -19.73
CA TYR D 32 17.06 -25.06 -19.02
C TYR D 32 15.77 -24.93 -19.80
N ARG D 33 14.95 -25.98 -19.79
CA ARG D 33 13.77 -26.01 -20.64
C ARG D 33 12.56 -25.32 -20.02
N ASP D 34 12.57 -25.06 -18.72
CA ASP D 34 11.50 -24.29 -18.09
C ASP D 34 11.68 -22.80 -18.39
N SER D 35 10.60 -22.14 -18.80
CA SER D 35 10.70 -20.77 -19.31
C SER D 35 11.02 -19.76 -18.21
N ALA D 36 10.72 -20.08 -16.96
CA ALA D 36 11.06 -19.19 -15.85
C ALA D 36 12.57 -19.09 -15.63
N SER D 37 13.33 -20.05 -16.15
CA SER D 37 14.77 -20.09 -15.95
C SER D 37 15.52 -19.10 -16.83
N ASN D 38 14.86 -18.54 -17.84
CA ASN D 38 15.54 -17.75 -18.85
C ASN D 38 16.08 -16.44 -18.28
N ALA D 39 17.13 -15.94 -18.92
CA ALA D 39 17.62 -14.60 -18.66
C ALA D 39 16.61 -13.57 -19.18
N ALA D 40 16.54 -12.44 -18.50
CA ALA D 40 15.73 -11.32 -18.99
C ALA D 40 16.38 -10.77 -20.25
N SER D 41 15.75 -11.04 -21.40
CA SER D 41 16.34 -10.76 -22.70
C SER D 41 16.34 -9.30 -23.08
N LYS D 42 15.73 -8.43 -22.25
CA LYS D 42 15.44 -7.02 -22.53
C LYS D 42 14.70 -6.95 -23.87
N GLN D 43 15.13 -6.10 -24.81
CA GLN D 43 14.54 -5.98 -26.15
C GLN D 43 13.03 -5.76 -26.09
N ASP D 44 12.60 -4.90 -25.18
CA ASP D 44 11.19 -4.73 -24.85
C ASP D 44 10.60 -3.54 -25.60
N PHE D 45 9.50 -3.78 -26.29
CA PHE D 45 8.90 -2.79 -27.18
C PHE D 45 8.24 -1.66 -26.41
N SER D 46 8.39 -0.44 -26.92
CA SER D 46 7.72 0.72 -26.38
C SER D 46 6.39 0.97 -27.10
N GLN D 47 5.58 1.85 -26.51
CA GLN D 47 4.24 2.09 -27.04
C GLN D 47 3.89 3.57 -26.97
N ASP D 48 2.85 3.92 -27.72
CA ASP D 48 2.28 5.26 -27.72
C ASP D 48 1.66 5.55 -26.36
N PRO D 49 2.02 6.64 -25.68
CA PRO D 49 1.38 6.98 -24.40
C PRO D 49 -0.03 7.57 -24.53
N SER D 50 -0.65 7.49 -25.71
CA SER D 50 -1.98 8.05 -25.93
C SER D 50 -3.05 7.41 -25.05
N LYS D 51 -2.86 6.14 -24.67
CA LYS D 51 -3.86 5.46 -23.84
C LYS D 51 -3.92 6.00 -22.41
N PHE D 52 -2.92 6.77 -21.97
CA PHE D 52 -2.99 7.47 -20.70
C PHE D 52 -2.99 8.97 -20.83
N THR D 53 -2.36 9.53 -21.86
CA THR D 53 -2.25 10.98 -22.01
C THR D 53 -3.40 11.58 -22.80
N GLU D 54 -3.93 10.86 -23.79
CA GLU D 54 -5.02 11.33 -24.63
C GLU D 54 -6.17 10.33 -24.64
N PRO D 55 -6.85 10.11 -23.52
CA PRO D 55 -7.85 9.05 -23.44
C PRO D 55 -9.24 9.45 -23.94
N ILE D 56 -9.40 10.63 -24.52
CA ILE D 56 -10.73 11.13 -24.85
C ILE D 56 -11.27 10.43 -26.09
N LYS D 57 -12.59 10.55 -26.28
CA LYS D 57 -13.27 9.78 -27.32
C LYS D 57 -12.96 10.32 -28.70
N ASP D 58 -13.00 11.64 -28.87
CA ASP D 58 -12.71 12.26 -30.15
C ASP D 58 -11.23 12.59 -30.26
N VAL D 59 -10.72 12.62 -31.50
CA VAL D 59 -9.30 12.77 -31.74
C VAL D 59 -8.86 14.20 -31.42
N LEU D 60 -7.85 14.34 -30.58
CA LEU D 60 -7.30 15.63 -30.19
C LEU D 60 -6.30 16.09 -31.25
N ILE D 61 -6.78 16.91 -32.18
CA ILE D 61 -5.90 17.63 -33.09
C ILE D 61 -5.34 18.81 -32.30
N LYS D 62 -4.03 18.75 -31.99
CA LYS D 62 -3.46 19.59 -30.94
C LYS D 62 -3.46 21.07 -31.28
N THR D 63 -3.45 21.43 -32.56
CA THR D 63 -3.46 22.84 -32.94
C THR D 63 -4.84 23.47 -32.84
N SER D 64 -5.86 22.69 -32.77
CA SER D 64 -7.24 23.15 -32.68
C SER D 64 -7.58 23.52 -31.23
N PRO D 65 -8.57 24.39 -31.02
CA PRO D 65 -9.11 24.56 -29.66
C PRO D 65 -9.71 23.26 -29.15
N MET D 66 -9.39 22.93 -27.90
CA MET D 66 -9.77 21.64 -27.35
C MET D 66 -11.28 21.55 -27.12
N LEU D 67 -11.90 22.65 -26.73
CA LEU D 67 -13.34 22.70 -26.54
C LEU D 67 -13.98 23.55 -27.61
N ASN D 68 -15.05 23.03 -28.21
CA ASN D 68 -15.78 23.74 -29.23
C ASN D 68 -17.27 23.78 -28.90
N LEU E 1 16.11 -17.76 37.18
CA LEU E 1 15.40 -17.38 38.40
C LEU E 1 15.15 -15.88 38.42
N VAL E 2 13.92 -15.49 38.78
CA VAL E 2 13.51 -14.10 38.82
C VAL E 2 12.96 -13.81 40.22
N GLN E 3 13.41 -12.71 40.82
CA GLN E 3 13.04 -12.35 42.18
C GLN E 3 12.02 -11.21 42.15
N SER E 4 10.87 -11.42 42.78
CA SER E 4 9.82 -10.41 42.88
C SER E 4 9.94 -9.62 44.17
N GLY E 5 9.33 -8.43 44.18
CA GLY E 5 9.43 -7.51 45.29
C GLY E 5 8.56 -7.80 46.50
N ALA E 6 8.25 -6.76 47.26
CA ALA E 6 7.47 -6.87 48.49
C ALA E 6 5.97 -6.79 48.20
N GLU E 7 5.18 -7.08 49.24
CA GLU E 7 3.73 -7.04 49.17
C GLU E 7 3.21 -5.88 50.02
N LEU E 8 2.30 -5.09 49.46
CA LEU E 8 1.87 -3.83 50.04
C LEU E 8 0.35 -3.79 50.12
N LYS E 9 -0.17 -2.86 50.94
CA LYS E 9 -1.58 -2.89 51.28
C LYS E 9 -2.30 -1.54 51.32
N LYS E 10 -1.63 -0.42 51.05
CA LYS E 10 -2.25 0.89 51.29
C LYS E 10 -3.30 1.21 50.23
N PRO E 11 -4.48 1.69 50.62
CA PRO E 11 -5.56 1.93 49.66
C PRO E 11 -5.47 3.30 49.00
N GLY E 12 -6.02 3.38 47.79
CA GLY E 12 -6.14 4.63 47.06
C GLY E 12 -4.87 5.14 46.42
N ALA E 13 -3.83 5.36 47.23
CA ALA E 13 -2.58 5.94 46.77
C ALA E 13 -1.79 4.96 45.90
N SER E 14 -0.71 5.47 45.31
CA SER E 14 0.09 4.71 44.36
C SER E 14 0.90 3.61 45.05
N VAL E 15 1.18 2.56 44.28
CA VAL E 15 1.94 1.39 44.73
C VAL E 15 3.02 1.10 43.70
N LYS E 16 4.25 0.82 44.17
CA LYS E 16 5.37 0.53 43.29
C LYS E 16 5.72 -0.96 43.35
N PHE E 17 6.15 -1.50 42.21
CA PHE E 17 6.48 -2.91 42.06
C PHE E 17 7.94 -3.05 41.64
N SER E 18 8.57 -4.16 42.04
CA SER E 18 9.97 -4.43 41.73
C SER E 18 10.15 -5.84 41.21
N CYS E 19 11.08 -6.02 40.26
CA CYS E 19 11.30 -7.31 39.62
C CYS E 19 12.76 -7.40 39.16
N GLN E 20 13.55 -8.23 39.84
CA GLN E 20 14.98 -8.37 39.59
C GLN E 20 15.26 -9.69 38.88
N ALA E 21 16.15 -9.64 37.89
CA ALA E 21 16.46 -10.81 37.07
C ALA E 21 17.96 -10.87 36.77
N SER E 22 18.40 -12.03 36.30
CA SER E 22 19.78 -12.24 35.88
C SER E 22 20.12 -11.39 34.66
N GLY E 23 21.41 -11.07 34.53
CA GLY E 23 21.85 -10.08 33.54
C GLY E 23 21.64 -10.50 32.10
N PHE E 24 21.82 -11.79 31.80
CA PHE E 24 21.63 -12.28 30.44
C PHE E 24 20.18 -12.16 30.00
N THR E 25 19.25 -12.61 30.85
CA THR E 25 17.83 -12.47 30.55
C THR E 25 17.38 -11.02 30.57
N PHE E 26 18.00 -10.20 31.43
CA PHE E 26 17.67 -8.78 31.48
C PHE E 26 18.09 -8.05 30.22
N THR E 27 19.29 -8.32 29.72
CA THR E 27 19.79 -7.62 28.54
C THR E 27 19.18 -8.15 27.26
N THR E 28 18.95 -9.46 27.18
CA THR E 28 18.59 -10.06 25.90
C THR E 28 17.09 -10.03 25.60
N TYR E 29 16.24 -10.18 26.61
CA TYR E 29 14.84 -10.52 26.38
C TYR E 29 13.92 -9.48 26.99
N ASP E 30 12.67 -9.47 26.51
CA ASP E 30 11.63 -8.61 27.04
C ASP E 30 11.09 -9.16 28.36
N ILE E 31 10.43 -8.30 29.13
CA ILE E 31 9.88 -8.64 30.44
C ILE E 31 8.42 -8.20 30.46
N HIS E 32 7.53 -9.10 30.87
CA HIS E 32 6.10 -8.83 30.88
C HIS E 32 5.54 -8.81 32.29
N TRP E 33 4.46 -8.05 32.48
CA TRP E 33 3.69 -8.06 33.71
C TRP E 33 2.29 -8.60 33.44
N VAL E 34 1.82 -9.48 34.33
CA VAL E 34 0.49 -10.10 34.23
C VAL E 34 -0.20 -9.99 35.58
N ARG E 35 -1.46 -9.53 35.57
CA ARG E 35 -2.25 -9.43 36.79
C ARG E 35 -3.16 -10.64 36.92
N GLN E 36 -3.28 -11.17 38.14
CA GLN E 36 -4.13 -12.33 38.45
C GLN E 36 -4.96 -11.97 39.67
N ALA E 37 -6.21 -11.59 39.42
CA ALA E 37 -7.20 -11.42 40.46
C ALA E 37 -7.72 -12.79 40.89
N PRO E 38 -8.25 -12.93 42.11
CA PRO E 38 -8.73 -14.24 42.58
C PRO E 38 -9.88 -14.79 41.73
N GLY E 39 -9.60 -15.89 41.03
CA GLY E 39 -10.57 -16.58 40.22
C GLY E 39 -10.94 -15.91 38.92
N GLN E 40 -10.33 -14.79 38.58
CA GLN E 40 -10.74 -14.03 37.40
C GLN E 40 -9.90 -14.31 36.16
N GLY E 41 -8.79 -15.02 36.29
CA GLY E 41 -7.96 -15.33 35.15
C GLY E 41 -6.91 -14.28 34.87
N LEU E 42 -5.89 -14.70 34.10
CA LEU E 42 -4.75 -13.84 33.81
C LEU E 42 -5.15 -12.67 32.91
N GLU E 43 -4.52 -11.52 33.14
CA GLU E 43 -4.75 -10.32 32.33
C GLU E 43 -3.41 -9.64 32.08
N TRP E 44 -3.11 -9.36 30.81
CA TRP E 44 -1.82 -8.80 30.42
C TRP E 44 -1.76 -7.32 30.76
N MET E 45 -0.66 -6.90 31.37
CA MET E 45 -0.49 -5.52 31.77
C MET E 45 0.40 -4.72 30.85
N GLY E 46 1.53 -5.27 30.42
CA GLY E 46 2.43 -4.52 29.57
C GLY E 46 3.75 -5.25 29.36
N MET E 47 4.66 -4.55 28.68
CA MET E 47 5.94 -5.11 28.29
C MET E 47 7.04 -4.08 28.48
N ILE E 48 8.16 -4.51 29.06
CA ILE E 48 9.38 -3.72 29.14
C ILE E 48 10.46 -4.44 28.36
N SER E 49 11.22 -3.70 27.56
CA SER E 49 12.25 -4.26 26.70
C SER E 49 13.56 -3.52 26.97
N PRO E 50 14.31 -3.92 28.00
CA PRO E 50 15.50 -3.16 28.40
C PRO E 50 16.64 -3.18 27.39
N SER E 51 16.60 -4.06 26.40
CA SER E 51 17.54 -3.98 25.27
C SER E 51 17.35 -2.70 24.46
N ARG E 52 16.16 -2.11 24.48
CA ARG E 52 15.91 -0.87 23.78
C ARG E 52 15.12 0.14 24.59
N ASP E 53 14.72 -0.21 25.82
CA ASP E 53 13.97 0.64 26.77
C ASP E 53 12.62 1.10 26.22
N SER E 54 12.08 0.39 25.21
CA SER E 54 10.73 0.66 24.74
C SER E 54 9.71 -0.05 25.61
N THR E 55 8.55 0.58 25.78
CA THR E 55 7.48 0.02 26.57
C THR E 55 6.16 0.09 25.80
N ILE E 56 5.31 -0.90 26.04
CA ILE E 56 3.96 -0.96 25.48
C ILE E 56 3.00 -1.29 26.62
N TYR E 57 1.90 -0.56 26.70
CA TYR E 57 0.93 -0.72 27.78
C TYR E 57 -0.41 -1.15 27.20
N ALA E 58 -1.13 -1.98 27.96
CA ALA E 58 -2.48 -2.37 27.57
C ALA E 58 -3.44 -1.20 27.71
N GLN E 59 -4.51 -1.24 26.91
CA GLN E 59 -5.46 -0.13 26.87
C GLN E 59 -6.25 0.00 28.17
N LYS E 60 -6.49 -1.09 28.88
CA LYS E 60 -7.14 -1.02 30.18
C LYS E 60 -6.23 -0.38 31.23
N PHE E 61 -4.92 -0.35 31.01
CA PHE E 61 -3.96 0.07 32.03
C PHE E 61 -3.24 1.37 31.71
N GLN E 62 -3.45 1.97 30.54
CA GLN E 62 -2.58 3.04 30.04
C GLN E 62 -2.64 4.31 30.88
N GLY E 63 -3.81 4.61 31.46
CA GLY E 63 -3.94 5.84 32.23
C GLY E 63 -3.33 5.79 33.62
N ARG E 64 -2.88 4.63 34.08
CA ARG E 64 -2.49 4.49 35.49
C ARG E 64 -1.09 3.91 35.68
N VAL E 65 -0.57 3.19 34.69
CA VAL E 65 0.62 2.35 34.88
C VAL E 65 1.80 2.94 34.13
N THR E 66 2.94 3.06 34.83
CA THR E 66 4.20 3.44 34.23
C THR E 66 5.29 2.44 34.62
N MET E 67 6.25 2.27 33.73
CA MET E 67 7.30 1.26 33.89
C MET E 67 8.66 1.88 33.62
N THR E 68 9.69 1.40 34.33
CA THR E 68 11.04 1.91 34.17
C THR E 68 12.04 0.78 34.45
N SER E 69 13.28 1.01 34.04
CA SER E 69 14.33 -0.01 34.11
C SER E 69 15.57 0.54 34.81
N ASP E 70 16.36 -0.38 35.36
CA ASP E 70 17.65 -0.06 35.97
C ASP E 70 18.69 -1.05 35.45
N THR E 71 19.57 -0.57 34.57
CA THR E 71 20.60 -1.45 34.00
C THR E 71 21.67 -1.84 35.01
N SER E 72 21.88 -1.03 36.05
CA SER E 72 22.96 -1.31 36.99
C SER E 72 22.64 -2.52 37.86
N THR E 73 21.39 -2.64 38.29
CA THR E 73 20.96 -3.75 39.13
C THR E 73 20.23 -4.84 38.36
N SER E 74 20.15 -4.70 37.03
CA SER E 74 19.39 -5.58 36.14
C SER E 74 17.95 -5.76 36.62
N THR E 75 17.34 -4.65 37.02
CA THR E 75 16.03 -4.64 37.67
C THR E 75 15.10 -3.69 36.95
N VAL E 76 13.84 -4.10 36.82
CA VAL E 76 12.80 -3.26 36.25
C VAL E 76 11.79 -2.94 37.34
N TYR E 77 11.11 -1.80 37.17
CA TYR E 77 10.15 -1.33 38.15
C TYR E 77 8.85 -0.93 37.46
N MET E 78 7.75 -1.15 38.16
CA MET E 78 6.43 -0.76 37.68
C MET E 78 5.71 -0.02 38.80
N GLU E 79 5.08 1.11 38.46
CA GLU E 79 4.33 1.90 39.43
C GLU E 79 2.90 2.07 38.93
N LEU E 80 1.95 1.63 39.75
CA LEU E 80 0.54 1.89 39.51
C LEU E 80 0.20 3.21 40.19
N THR E 81 -0.06 4.25 39.40
CA THR E 81 -0.21 5.59 39.95
C THR E 81 -1.51 5.76 40.74
N SER E 82 -2.55 4.99 40.43
CA SER E 82 -3.79 5.04 41.19
C SER E 82 -4.41 3.65 41.19
N LEU E 83 -5.01 3.27 42.32
CA LEU E 83 -5.53 1.93 42.49
C LEU E 83 -6.96 1.98 43.00
N ARG E 84 -7.84 1.24 42.34
CA ARG E 84 -9.21 1.00 42.79
C ARG E 84 -9.24 -0.25 43.66
N SER E 85 -10.40 -0.48 44.29
CA SER E 85 -10.60 -1.71 45.07
C SER E 85 -10.54 -2.96 44.19
N GLU E 86 -10.89 -2.81 42.91
CA GLU E 86 -10.77 -3.90 41.94
C GLU E 86 -9.33 -4.35 41.77
N ASP E 87 -8.37 -3.44 41.95
CA ASP E 87 -6.96 -3.72 41.70
C ASP E 87 -6.32 -4.63 42.75
N THR E 88 -7.05 -5.01 43.80
CA THR E 88 -6.55 -5.97 44.78
C THR E 88 -6.37 -7.33 44.10
N ALA E 89 -5.12 -7.71 43.85
CA ALA E 89 -4.84 -8.88 43.03
C ALA E 89 -3.42 -9.37 43.29
N LEU E 90 -3.15 -10.58 42.82
CA LEU E 90 -1.80 -11.11 42.72
C LEU E 90 -1.18 -10.70 41.38
N TYR E 91 0.04 -10.19 41.44
CA TYR E 91 0.71 -9.65 40.26
C TYR E 91 1.95 -10.47 39.96
N TYR E 92 2.22 -10.71 38.68
CA TYR E 92 3.29 -11.58 38.26
C TYR E 92 4.25 -10.86 37.33
N CYS E 93 5.55 -11.12 37.50
CA CYS E 93 6.58 -10.65 36.59
C CYS E 93 7.11 -11.84 35.82
N ALA E 94 7.12 -11.76 34.49
CA ALA E 94 7.51 -12.88 33.66
C ALA E 94 8.46 -12.43 32.56
N THR E 95 9.48 -13.24 32.30
CA THR E 95 10.44 -12.97 31.25
C THR E 95 10.19 -13.93 30.09
N ALA E 96 10.10 -13.38 28.88
CA ALA E 96 9.79 -14.17 27.70
C ALA E 96 11.09 -14.63 27.04
N SER E 97 11.32 -15.95 27.04
CA SER E 97 12.54 -16.48 26.46
C SER E 97 12.32 -17.74 25.62
N ARG E 98 11.08 -18.13 25.35
CA ARG E 98 10.83 -19.28 24.48
C ARG E 98 10.56 -18.78 23.07
N PRO E 99 11.46 -19.00 22.11
CA PRO E 99 11.28 -18.41 20.79
C PRO E 99 10.33 -19.20 19.90
N SER E 100 9.44 -18.47 19.23
CA SER E 100 8.54 -19.07 18.25
C SER E 100 9.26 -19.33 16.93
N ALA E 101 8.83 -20.37 16.24
CA ALA E 101 9.38 -20.64 14.91
C ALA E 101 8.92 -19.62 13.89
N TRP E 102 7.73 -19.06 14.07
CA TRP E 102 7.17 -18.15 13.08
C TRP E 102 7.85 -16.78 13.16
N VAL E 103 8.29 -16.27 12.01
CA VAL E 103 8.96 -14.98 11.97
C VAL E 103 7.93 -13.88 12.15
N PHE E 104 8.19 -12.99 13.10
CA PHE E 104 7.30 -11.88 13.41
C PHE E 104 7.69 -10.70 12.55
N ARG E 105 6.70 -10.10 11.89
CA ARG E 105 6.86 -9.23 10.72
C ARG E 105 7.71 -10.02 9.72
N SER E 106 8.79 -9.47 9.19
CA SER E 106 9.78 -10.28 8.48
C SER E 106 11.17 -10.07 9.04
N LEU E 107 11.30 -9.37 10.17
CA LEU E 107 12.60 -8.97 10.65
C LEU E 107 12.86 -9.30 12.12
N TYR E 108 11.91 -9.91 12.83
CA TYR E 108 12.06 -10.14 14.25
C TYR E 108 11.60 -11.55 14.58
N THR E 109 11.91 -11.99 15.80
CA THR E 109 11.44 -13.26 16.32
C THR E 109 10.58 -13.02 17.56
N TYR E 110 9.63 -13.92 17.78
CA TYR E 110 8.63 -13.79 18.83
C TYR E 110 9.01 -14.65 20.02
N TYR E 111 8.87 -14.11 21.21
CA TYR E 111 9.14 -14.84 22.44
C TYR E 111 7.87 -14.99 23.28
N TYR E 112 7.51 -16.22 23.60
CA TYR E 112 6.47 -16.48 24.57
C TYR E 112 7.03 -16.40 25.99
N MET E 113 6.17 -16.05 26.93
CA MET E 113 6.57 -16.05 28.33
C MET E 113 6.73 -17.48 28.84
N ASP E 114 7.90 -17.79 29.41
CA ASP E 114 8.15 -19.13 29.91
C ASP E 114 8.80 -19.19 31.28
N VAL E 115 9.36 -18.11 31.79
CA VAL E 115 9.95 -18.06 33.12
C VAL E 115 9.16 -17.07 33.97
N TRP E 116 8.65 -17.54 35.11
CA TRP E 116 7.72 -16.76 35.92
C TRP E 116 8.30 -16.52 37.30
N GLY E 117 8.08 -15.31 37.81
CA GLY E 117 8.48 -14.98 39.16
C GLY E 117 7.53 -15.56 40.20
N THR E 118 7.90 -15.37 41.47
CA THR E 118 7.06 -15.82 42.57
C THR E 118 5.79 -14.99 42.70
N GLY E 119 5.86 -13.71 42.38
CA GLY E 119 4.69 -12.84 42.41
C GLY E 119 4.45 -12.17 43.73
N THR E 120 3.54 -11.18 43.70
CA THR E 120 3.27 -10.30 44.83
C THR E 120 1.77 -10.04 44.92
N THR E 121 1.18 -10.34 46.08
CA THR E 121 -0.18 -9.93 46.36
C THR E 121 -0.22 -8.50 46.86
N VAL E 122 -1.11 -7.69 46.29
CA VAL E 122 -1.28 -6.30 46.70
C VAL E 122 -2.75 -6.07 47.03
N THR E 123 -3.01 -5.45 48.18
CA THR E 123 -4.36 -5.20 48.66
C THR E 123 -4.63 -3.69 48.59
N VAL E 124 -5.87 -3.34 48.26
CA VAL E 124 -6.26 -1.95 48.20
C VAL E 124 -7.32 -1.67 49.27
N SER F 1 -13.44 -8.58 24.28
CA SER F 1 -12.03 -8.29 24.52
C SER F 1 -11.22 -9.58 24.67
N ALA F 2 -11.45 -10.29 25.78
CA ALA F 2 -10.73 -11.52 26.06
C ALA F 2 -11.18 -12.64 25.12
N LEU F 3 -10.31 -13.63 24.96
CA LEU F 3 -10.66 -14.81 24.19
C LEU F 3 -11.67 -15.66 24.95
N THR F 4 -12.64 -16.21 24.23
CA THR F 4 -13.72 -16.95 24.86
C THR F 4 -13.33 -18.40 25.12
N GLN F 5 -13.67 -18.88 26.32
CA GLN F 5 -13.47 -20.25 26.72
C GLN F 5 -14.69 -20.72 27.51
N PRO F 6 -15.01 -22.01 27.45
CA PRO F 6 -16.01 -22.55 28.37
C PRO F 6 -15.53 -22.50 29.82
N ALA F 7 -16.49 -22.34 30.74
CA ALA F 7 -16.15 -22.14 32.14
C ALA F 7 -15.57 -23.41 32.76
N SER F 8 -16.20 -24.56 32.53
CA SER F 8 -15.74 -25.79 33.17
C SER F 8 -16.00 -26.99 32.28
N VAL F 9 -15.10 -27.97 32.37
CA VAL F 9 -15.22 -29.24 31.66
C VAL F 9 -14.95 -30.34 32.68
N SER F 10 -15.72 -31.42 32.58
CA SER F 10 -15.66 -32.51 33.55
C SER F 10 -15.59 -33.84 32.82
N GLY F 11 -14.92 -34.81 33.44
CA GLY F 11 -14.84 -36.13 32.86
C GLY F 11 -14.07 -37.08 33.77
N SER F 12 -14.25 -38.37 33.51
CA SER F 12 -13.58 -39.42 34.24
C SER F 12 -12.14 -39.58 33.74
N PRO F 13 -11.27 -40.27 34.49
CA PRO F 13 -9.96 -40.66 33.94
C PRO F 13 -10.06 -41.56 32.73
N GLY F 14 -9.07 -41.50 31.83
CA GLY F 14 -9.03 -42.32 30.65
C GLY F 14 -9.81 -41.82 29.47
N GLN F 15 -10.59 -40.74 29.62
CA GLN F 15 -11.32 -40.18 28.50
C GLN F 15 -10.41 -39.31 27.64
N SER F 16 -10.91 -38.97 26.45
CA SER F 16 -10.28 -38.00 25.57
C SER F 16 -11.16 -36.76 25.52
N ILE F 17 -10.62 -35.62 25.95
CA ILE F 17 -11.42 -34.43 26.25
C ILE F 17 -10.73 -33.22 25.66
N THR F 18 -11.52 -32.34 25.04
CA THR F 18 -11.00 -31.15 24.36
C THR F 18 -11.52 -29.88 25.00
N ILE F 19 -10.66 -28.88 25.09
CA ILE F 19 -11.01 -27.53 25.56
C ILE F 19 -10.74 -26.56 24.42
N SER F 20 -11.71 -25.69 24.14
CA SER F 20 -11.71 -24.89 22.92
C SER F 20 -11.57 -23.41 23.23
N CYS F 21 -10.79 -22.71 22.41
CA CYS F 21 -10.53 -21.28 22.55
C CYS F 21 -10.95 -20.60 21.25
N THR F 22 -11.96 -19.74 21.33
CA THR F 22 -12.51 -19.07 20.16
C THR F 22 -12.28 -17.58 20.26
N GLY F 23 -11.60 -17.01 19.26
CA GLY F 23 -11.35 -15.60 19.18
C GLY F 23 -12.05 -14.95 17.99
N THR F 24 -11.64 -13.71 17.72
CA THR F 24 -12.19 -12.92 16.61
C THR F 24 -11.48 -13.31 15.32
N ILE F 25 -11.61 -12.48 14.29
CA ILE F 25 -10.92 -12.73 13.04
C ILE F 25 -9.42 -12.47 13.20
N THR F 26 -9.04 -11.49 14.02
CA THR F 26 -7.67 -11.39 14.51
C THR F 26 -7.49 -12.37 15.67
N ASP F 27 -6.31 -12.33 16.29
CA ASP F 27 -5.80 -13.37 17.21
C ASP F 27 -5.70 -14.64 16.37
N ILE F 28 -6.39 -15.73 16.76
CA ILE F 28 -6.20 -17.07 16.20
C ILE F 28 -6.38 -17.11 14.69
N GLY F 29 -7.30 -16.30 14.16
CA GLY F 29 -7.62 -16.40 12.75
C GLY F 29 -6.57 -15.85 11.79
N TYR F 30 -5.62 -15.05 12.27
CA TYR F 30 -4.64 -14.47 11.36
C TYR F 30 -3.21 -14.73 11.80
N TYR F 31 -2.97 -14.72 13.10
CA TYR F 31 -1.64 -14.88 13.67
C TYR F 31 -1.54 -16.27 14.31
N ASN F 32 -0.49 -17.00 13.95
CA ASN F 32 -0.26 -18.34 14.45
C ASN F 32 0.48 -18.36 15.78
N TYR F 33 0.54 -17.24 16.50
CA TYR F 33 1.14 -17.21 17.82
C TYR F 33 0.10 -17.53 18.89
N VAL F 34 -0.40 -18.76 18.83
CA VAL F 34 -1.45 -19.25 19.73
C VAL F 34 -0.80 -20.21 20.71
N SER F 35 -1.04 -20.00 22.00
CA SER F 35 -0.38 -20.77 23.04
C SER F 35 -1.36 -21.11 24.13
N TRP F 36 -1.00 -22.13 24.91
CA TRP F 36 -1.80 -22.58 26.04
C TRP F 36 -0.94 -22.63 27.27
N TYR F 37 -1.53 -22.32 28.42
CA TYR F 37 -0.83 -22.33 29.70
C TYR F 37 -1.62 -23.17 30.70
N GLN F 38 -0.91 -23.73 31.67
CA GLN F 38 -1.51 -24.54 32.72
C GLN F 38 -1.16 -23.95 34.08
N GLN F 39 -2.09 -24.07 35.03
CA GLN F 39 -1.84 -23.56 36.37
C GLN F 39 -2.52 -24.47 37.38
N HIS F 40 -1.72 -25.25 38.11
CA HIS F 40 -2.22 -25.93 39.29
C HIS F 40 -2.51 -24.90 40.38
N PRO F 41 -3.45 -25.20 41.28
CA PRO F 41 -3.83 -24.21 42.30
C PRO F 41 -2.69 -23.82 43.22
N GLY F 42 -2.48 -22.50 43.35
CA GLY F 42 -1.41 -21.94 44.14
C GLY F 42 -0.07 -21.87 43.44
N LYS F 43 0.07 -22.45 42.26
CA LYS F 43 1.34 -22.45 41.56
C LYS F 43 1.41 -21.34 40.53
N ALA F 44 2.64 -21.05 40.09
CA ALA F 44 2.87 -20.19 38.94
C ALA F 44 2.45 -20.92 37.66
N PRO F 45 2.09 -20.17 36.61
CA PRO F 45 1.73 -20.83 35.34
C PRO F 45 2.92 -21.52 34.67
N LYS F 46 2.60 -22.56 33.90
CA LYS F 46 3.58 -23.32 33.14
C LYS F 46 3.07 -23.54 31.73
N LEU F 47 3.94 -23.30 30.75
CA LEU F 47 3.59 -23.46 29.35
C LEU F 47 3.43 -24.93 28.99
N ILE F 48 2.42 -25.23 28.17
CA ILE F 48 2.15 -26.61 27.78
C ILE F 48 2.28 -26.79 26.27
N ILE F 49 1.81 -25.81 25.50
CA ILE F 49 1.86 -25.83 24.05
C ILE F 49 2.22 -24.42 23.59
N PHE F 50 3.35 -24.27 22.88
CA PHE F 50 3.83 -22.92 22.62
C PHE F 50 3.44 -22.40 21.24
N ASP F 51 3.92 -23.02 20.17
CA ASP F 51 3.31 -22.82 18.87
C ASP F 51 2.12 -23.74 18.77
N VAL F 52 1.30 -23.55 17.73
CA VAL F 52 -0.06 -24.06 17.58
C VAL F 52 -0.22 -25.54 17.90
N THR F 53 0.74 -26.36 17.48
CA THR F 53 0.70 -27.79 17.74
C THR F 53 1.97 -28.30 18.41
N ASN F 54 2.84 -27.43 18.90
CA ASN F 54 4.18 -27.81 19.33
C ASN F 54 4.29 -27.80 20.85
N ARG F 55 4.85 -28.88 21.42
CA ARG F 55 5.04 -29.08 22.85
C ARG F 55 6.47 -28.75 23.27
N PRO F 56 6.66 -28.06 24.39
CA PRO F 56 7.98 -28.01 25.01
C PRO F 56 8.37 -29.36 25.61
N SER F 57 9.66 -29.48 25.91
CA SER F 57 10.15 -30.64 26.64
C SER F 57 9.61 -30.64 28.07
N GLY F 58 9.45 -31.84 28.62
CA GLY F 58 8.87 -31.99 29.93
C GLY F 58 7.36 -31.97 29.96
N VAL F 59 6.71 -31.82 28.81
CA VAL F 59 5.26 -31.91 28.70
C VAL F 59 4.96 -33.24 28.01
N SER F 60 4.09 -34.04 28.61
CA SER F 60 3.78 -35.36 28.09
C SER F 60 3.01 -35.26 26.78
N ASP F 61 3.11 -36.32 25.99
CA ASP F 61 2.51 -36.36 24.65
C ASP F 61 1.00 -36.50 24.65
N ARG F 62 0.37 -36.65 25.81
CA ARG F 62 -1.09 -36.75 25.84
C ARG F 62 -1.77 -35.42 25.55
N PHE F 63 -1.07 -34.30 25.72
CA PHE F 63 -1.59 -33.01 25.31
C PHE F 63 -1.42 -32.82 23.80
N SER F 64 -2.43 -32.26 23.16
CA SER F 64 -2.38 -32.00 21.73
C SER F 64 -3.21 -30.77 21.41
N GLY F 65 -2.88 -30.11 20.31
CA GLY F 65 -3.54 -28.89 19.92
C GLY F 65 -3.87 -28.88 18.43
N SER F 66 -4.81 -28.03 18.07
CA SER F 66 -5.20 -27.87 16.67
C SER F 66 -5.80 -26.49 16.48
N LYS F 67 -5.84 -26.05 15.22
CA LYS F 67 -6.41 -24.77 14.84
C LYS F 67 -7.40 -24.97 13.70
N SER F 68 -8.54 -24.28 13.79
CA SER F 68 -9.52 -24.27 12.71
C SER F 68 -10.24 -22.93 12.71
N GLY F 69 -9.99 -22.11 11.70
CA GLY F 69 -10.63 -20.81 11.59
C GLY F 69 -10.27 -19.88 12.72
N ASN F 70 -11.29 -19.28 13.34
CA ASN F 70 -11.11 -18.40 14.48
C ASN F 70 -10.99 -19.15 15.79
N THR F 71 -10.84 -20.48 15.76
CA THR F 71 -10.94 -21.32 16.94
C THR F 71 -9.74 -22.25 17.02
N ALA F 72 -9.16 -22.36 18.21
CA ALA F 72 -8.09 -23.30 18.49
C ALA F 72 -8.47 -24.14 19.69
N SER F 73 -8.13 -25.42 19.65
CA SER F 73 -8.59 -26.37 20.64
C SER F 73 -7.43 -27.15 21.22
N LEU F 74 -7.46 -27.33 22.53
CA LEU F 74 -6.48 -28.15 23.25
C LEU F 74 -7.15 -29.47 23.62
N THR F 75 -6.61 -30.57 23.12
CA THR F 75 -7.17 -31.90 23.33
C THR F 75 -6.23 -32.73 24.20
N ILE F 76 -6.75 -33.25 25.30
CA ILE F 76 -6.02 -34.16 26.17
C ILE F 76 -6.60 -35.55 25.99
N SER F 77 -5.77 -36.48 25.53
CA SER F 77 -6.20 -37.85 25.27
C SER F 77 -5.64 -38.76 26.35
N GLY F 78 -6.51 -39.47 27.06
CA GLY F 78 -6.09 -40.22 28.21
C GLY F 78 -5.88 -39.31 29.40
N LEU F 79 -6.98 -38.67 29.83
CA LEU F 79 -6.93 -37.74 30.94
C LEU F 79 -6.57 -38.45 32.24
N GLN F 80 -5.74 -37.79 33.04
CA GLN F 80 -5.23 -38.36 34.29
C GLN F 80 -5.51 -37.39 35.42
N ALA F 81 -5.39 -37.92 36.65
CA ALA F 81 -5.76 -37.16 37.83
C ALA F 81 -4.85 -35.96 38.07
N GLU F 82 -3.59 -36.04 37.65
CA GLU F 82 -2.66 -34.94 37.85
C GLU F 82 -2.93 -33.76 36.91
N ASP F 83 -3.75 -33.92 35.89
CA ASP F 83 -4.03 -32.86 34.95
C ASP F 83 -5.09 -31.88 35.43
N GLU F 84 -5.69 -32.11 36.60
CA GLU F 84 -6.73 -31.24 37.11
C GLU F 84 -6.16 -29.88 37.52
N GLY F 85 -6.74 -28.82 36.96
CA GLY F 85 -6.24 -27.47 37.20
C GLY F 85 -6.77 -26.51 36.17
N ASP F 86 -6.26 -25.28 36.20
CA ASP F 86 -6.66 -24.24 35.28
C ASP F 86 -5.89 -24.35 33.96
N TYR F 87 -6.56 -23.96 32.87
CA TYR F 87 -5.96 -23.92 31.55
C TYR F 87 -6.31 -22.58 30.89
N TYR F 88 -5.31 -21.91 30.32
CA TYR F 88 -5.45 -20.56 29.81
C TYR F 88 -4.99 -20.45 28.37
N CYS F 89 -5.84 -19.86 27.52
CA CYS F 89 -5.50 -19.53 26.15
C CYS F 89 -4.78 -18.18 26.09
N PHE F 90 -3.86 -18.04 25.14
CA PHE F 90 -3.10 -16.81 24.98
C PHE F 90 -2.71 -16.65 23.52
N SER F 91 -2.83 -15.42 23.01
CA SER F 91 -2.59 -15.14 21.59
C SER F 91 -2.27 -13.66 21.44
N HIS F 92 -2.19 -13.20 20.19
CA HIS F 92 -1.67 -11.89 19.85
C HIS F 92 -2.70 -11.10 19.05
N ARG F 93 -3.08 -9.92 19.55
CA ARG F 93 -3.88 -9.00 18.75
C ARG F 93 -3.02 -8.41 17.63
N SER F 94 -3.69 -7.88 16.60
CA SER F 94 -3.07 -7.69 15.29
C SER F 94 -1.91 -6.70 15.29
N ASN F 95 -1.89 -5.73 16.21
CA ASN F 95 -0.75 -4.79 16.29
C ASN F 95 -0.33 -4.63 17.75
N ASN F 96 0.57 -5.52 18.18
CA ASN F 96 1.39 -5.39 19.39
C ASN F 96 0.54 -5.30 20.67
N ILE F 97 -0.54 -6.06 20.72
CA ILE F 97 -1.37 -6.19 21.92
C ILE F 97 -1.53 -7.68 22.21
N ARG F 98 -1.39 -8.07 23.48
CA ARG F 98 -1.46 -9.45 23.90
C ARG F 98 -2.71 -9.68 24.74
N VAL F 99 -3.37 -10.81 24.53
CA VAL F 99 -4.69 -11.06 25.10
C VAL F 99 -4.73 -12.49 25.64
N PHE F 100 -5.23 -12.64 26.87
CA PHE F 100 -5.45 -13.93 27.49
C PHE F 100 -6.89 -14.39 27.31
N GLY F 101 -7.10 -15.68 27.55
CA GLY F 101 -8.44 -16.23 27.55
C GLY F 101 -9.11 -16.12 28.91
N GLY F 102 -10.41 -16.43 28.93
CA GLY F 102 -11.15 -16.43 30.18
C GLY F 102 -10.77 -17.56 31.12
N GLY F 103 -10.20 -18.63 30.59
CA GLY F 103 -9.76 -19.75 31.39
C GLY F 103 -10.85 -20.80 31.56
N THR F 104 -10.40 -22.02 31.88
CA THR F 104 -11.28 -23.16 32.06
C THR F 104 -10.76 -24.01 33.21
N LYS F 105 -11.66 -24.44 34.08
CA LYS F 105 -11.31 -25.37 35.15
C LYS F 105 -11.71 -26.78 34.75
N LEU F 106 -10.74 -27.68 34.77
CA LEU F 106 -10.95 -29.08 34.37
C LEU F 106 -10.98 -29.94 35.62
N THR F 107 -12.11 -30.63 35.82
CA THR F 107 -12.31 -31.47 36.99
C THR F 107 -12.28 -32.92 36.57
N VAL F 108 -11.39 -33.71 37.18
CA VAL F 108 -11.26 -35.12 36.88
C VAL F 108 -12.16 -35.88 37.84
N LEU F 109 -13.20 -36.52 37.30
CA LEU F 109 -14.17 -37.24 38.13
C LEU F 109 -13.62 -38.58 38.59
#